data_2Z64
#
_entry.id   2Z64
#
_cell.length_a   83.158
_cell.length_b   101.882
_cell.length_c   126.364
_cell.angle_alpha   90.00
_cell.angle_beta   90.00
_cell.angle_gamma   90.00
#
_symmetry.space_group_name_H-M   'P 21 21 21'
#
loop_
_entity.id
_entity.type
_entity.pdbx_description
1 polymer 'Toll-like receptor 4'
2 polymer 'Lymphocyte antigen 96'
3 branched 2-acetamido-2-deoxy-beta-D-glucopyranose-(1-4)-2-acetamido-2-deoxy-beta-D-glucopyranose
4 branched beta-D-mannopyranose-(1-4)-2-acetamido-2-deoxy-beta-D-glucopyranose-(1-4)-2-acetamido-2-deoxy-beta-D-glucopyranose
5 branched beta-D-mannopyranose-(1-4)-2-acetamido-2-deoxy-beta-D-glucopyranose-(1-4)-[beta-L-fucopyranose-(1-6)]2-acetamido-2-deoxy-beta-D-glucopyranose
6 non-polymer 2-acetamido-2-deoxy-beta-D-glucopyranose
7 water water
#
loop_
_entity_poly.entity_id
_entity_poly.type
_entity_poly.pdbx_seq_one_letter_code
_entity_poly.pdbx_strand_id
1 'polypeptide(L)'
;PCIEVVPNITYQCMDQKLSKVPDDIPSSTKNIDLSFNPLKILKSYSFSNFSELQWLDLSRCEIETIEDKAWHGLHHLSNL
ILTGNPIQSFSPGSFSGLTSLENLVAVETKLASLESFPIGQLITLKKLNVAHNFIHSCKLPAYFSNLTNLVHVDLSYNYI
QTITVNDLQFLRENPQVNLSLDMSLNPIDFIQDQAFQGIKLHELTLRGNFNSSNIMKTCLQNLAGLHVHRLILGEFKDER
NLEIFEPSIMEGLCDVTIDEFRLTYTNDFSDDIVKFHCLANVSAMSLAGVSIKYLEDVPKHFKWQSLSIIRCQLKQFPTL
DLPFLKSLTLTMNKGSISFKKVALPSLSYLDLSRNALSFSGCCSYSDLGTNSLRHLDLSFNGAIIMSANFMGLEELQHLD
FQHSTLKRVTEFSAFLSLEKLLYLDISYTNTKIDFDGIFLGLTSLNTLKMAGNSFKDNTLSNVFANTTNLTFLDLSKCQL
EQISWGVFDTLHRLQLLNMSHNNLLFLDSSHYNQLYSLSTLDCSFNRIETSKGILQHFPKSLAFFNLTNNSVACICEHQK
FLQWVKEQKQFLVNVEQMTCATPVEMNTSLVLDFNNSTC
;
A
2 'polypeptide(L)'
;QQWFCNSSDAIISYSYCDHLKFPISISSEPCIRLRGTNGFVHVEFIPRGNLKYLYFNLFISVNSIELPKRKEVLCHGHDD
DYSFCRALKGETVNTSIPFSFEGILFPKGHYRCVAEAIAGDTEEKLFCLNFTIIH
;
C
#
loop_
_chem_comp.id
_chem_comp.type
_chem_comp.name
_chem_comp.formula
BMA D-saccharide, beta linking beta-D-mannopyranose 'C6 H12 O6'
FUL L-saccharide, beta linking beta-L-fucopyranose 'C6 H12 O5'
NAG D-saccharide, beta linking 2-acetamido-2-deoxy-beta-D-glucopyranose 'C8 H15 N O6'
#
# COMPACT_ATOMS: atom_id res chain seq x y z
N PRO A 1 3.86 1.99 -34.14
CA PRO A 1 3.55 3.18 -33.34
C PRO A 1 3.91 3.07 -31.84
N CYS A 2 2.96 2.60 -31.04
CA CYS A 2 3.02 2.62 -29.58
C CYS A 2 3.35 1.25 -28.97
N ILE A 3 2.87 1.03 -27.76
CA ILE A 3 2.97 -0.26 -27.09
C ILE A 3 1.57 -0.71 -26.68
N GLU A 4 1.16 -1.87 -27.18
CA GLU A 4 -0.17 -2.40 -26.96
C GLU A 4 -0.17 -3.15 -25.63
N VAL A 5 -0.55 -2.48 -24.57
CA VAL A 5 -0.54 -3.10 -23.25
C VAL A 5 -1.79 -3.96 -23.05
N VAL A 6 -2.93 -3.49 -23.53
CA VAL A 6 -4.16 -4.28 -23.61
C VAL A 6 -4.78 -4.03 -24.99
N PRO A 7 -4.81 -5.07 -25.85
CA PRO A 7 -5.33 -4.96 -27.21
C PRO A 7 -6.68 -4.26 -27.26
N ASN A 8 -6.83 -3.34 -28.22
CA ASN A 8 -8.07 -2.57 -28.40
C ASN A 8 -8.62 -1.91 -27.11
N ILE A 9 -7.78 -1.77 -26.09
CA ILE A 9 -8.20 -1.19 -24.79
C ILE A 9 -7.25 -0.11 -24.23
N THR A 10 -5.98 -0.46 -24.03
CA THR A 10 -5.04 0.47 -23.41
C THR A 10 -3.74 0.53 -24.20
N TYR A 11 -3.23 1.74 -24.40
CA TYR A 11 -1.99 1.91 -25.14
C TYR A 11 -1.00 2.80 -24.42
N GLN A 12 0.28 2.60 -24.72
CA GLN A 12 1.35 3.38 -24.12
C GLN A 12 2.23 3.97 -25.20
N CYS A 13 2.06 5.28 -25.42
CA CYS A 13 2.83 5.98 -26.40
C CYS A 13 3.72 7.00 -25.70
N MET A 14 4.00 6.74 -24.42
CA MET A 14 4.86 7.62 -23.65
C MET A 14 6.22 7.64 -24.32
N ASP A 15 6.78 8.84 -24.43
CA ASP A 15 8.11 9.07 -24.98
C ASP A 15 8.36 8.29 -26.27
N GLN A 16 7.72 8.72 -27.35
CA GLN A 16 7.92 8.08 -28.65
C GLN A 16 8.33 9.08 -29.73
N LYS A 17 8.72 10.28 -29.29
CA LYS A 17 9.06 11.38 -30.20
C LYS A 17 7.90 11.76 -31.12
N LEU A 18 6.68 11.32 -30.78
CA LEU A 18 5.48 11.65 -31.55
C LEU A 18 5.18 13.13 -31.47
N SER A 19 4.70 13.67 -32.58
CA SER A 19 4.41 15.10 -32.69
C SER A 19 2.92 15.38 -32.81
N LYS A 20 2.20 14.38 -33.30
CA LYS A 20 0.74 14.37 -33.28
C LYS A 20 0.30 13.08 -32.60
N VAL A 21 -0.98 13.01 -32.26
CA VAL A 21 -1.57 11.77 -31.77
C VAL A 21 -1.57 10.77 -32.91
N PRO A 22 -1.22 9.50 -32.63
CA PRO A 22 -1.33 8.42 -33.62
C PRO A 22 -2.73 8.35 -34.24
N ASP A 23 -2.80 7.78 -35.44
CA ASP A 23 -4.02 7.79 -36.24
C ASP A 23 -4.66 6.40 -36.37
N ASP A 24 -3.88 5.35 -36.09
CA ASP A 24 -4.38 3.98 -36.21
C ASP A 24 -4.56 3.26 -34.87
N ILE A 25 -4.79 4.04 -33.82
CA ILE A 25 -5.17 3.51 -32.51
C ILE A 25 -6.68 3.30 -32.51
N PRO A 26 -7.15 2.09 -32.15
CA PRO A 26 -8.59 1.78 -32.09
C PRO A 26 -9.49 2.88 -31.48
N SER A 27 -10.77 2.82 -31.81
CA SER A 27 -11.75 3.72 -31.25
C SER A 27 -12.37 3.08 -30.02
N SER A 28 -11.96 1.86 -29.73
CA SER A 28 -12.48 1.16 -28.56
C SER A 28 -11.59 1.41 -27.33
N THR A 29 -10.34 1.80 -27.58
CA THR A 29 -9.38 2.06 -26.50
C THR A 29 -9.95 2.97 -25.43
N LYS A 30 -9.77 2.56 -24.17
CA LYS A 30 -10.28 3.31 -23.04
C LYS A 30 -9.21 4.14 -22.34
N ASN A 31 -7.95 3.74 -22.48
CA ASN A 31 -6.84 4.45 -21.82
C ASN A 31 -5.60 4.70 -22.71
N ILE A 32 -5.25 5.97 -22.87
CA ILE A 32 -4.14 6.34 -23.71
C ILE A 32 -3.14 7.24 -22.98
N ASP A 33 -1.88 6.81 -23.02
CA ASP A 33 -0.79 7.50 -22.38
C ASP A 33 0.08 8.15 -23.48
N LEU A 34 0.07 9.48 -23.55
CA LEU A 34 0.92 10.20 -24.48
C LEU A 34 1.93 11.13 -23.81
N SER A 35 2.16 10.94 -22.51
CA SER A 35 3.14 11.75 -21.77
C SER A 35 4.52 11.77 -22.44
N PHE A 36 5.24 12.88 -22.23
CA PHE A 36 6.61 13.04 -22.66
C PHE A 36 6.79 13.08 -24.19
N ASN A 37 5.88 13.78 -24.85
CA ASN A 37 5.92 13.96 -26.30
C ASN A 37 5.73 15.40 -26.79
N PRO A 38 6.51 15.82 -27.81
CA PRO A 38 6.40 17.19 -28.29
C PRO A 38 5.06 17.40 -29.01
N LEU A 39 4.01 17.64 -28.22
CA LEU A 39 2.70 17.87 -28.76
C LEU A 39 2.47 19.35 -29.05
N LYS A 40 3.07 20.19 -28.22
CA LYS A 40 3.18 21.63 -28.50
C LYS A 40 1.81 22.31 -28.53
N ILE A 41 1.03 22.03 -29.56
CA ILE A 41 -0.34 22.51 -29.62
C ILE A 41 -1.28 21.31 -29.71
N LEU A 42 -2.22 21.29 -28.78
CA LEU A 42 -3.29 20.32 -28.76
C LEU A 42 -4.35 20.80 -29.73
N LYS A 43 -4.24 20.35 -30.98
CA LYS A 43 -5.09 20.80 -32.07
C LYS A 43 -6.58 20.54 -31.80
N SER A 44 -7.42 21.17 -32.62
CA SER A 44 -8.87 21.06 -32.53
C SER A 44 -9.33 19.78 -33.22
N TYR A 45 -10.27 19.07 -32.59
CA TYR A 45 -10.78 17.75 -33.03
C TYR A 45 -9.70 16.67 -33.16
N SER A 46 -8.72 16.71 -32.24
CA SER A 46 -7.65 15.70 -32.16
C SER A 46 -8.21 14.33 -31.79
N PHE A 47 -8.93 14.27 -30.67
CA PHE A 47 -9.42 13.02 -30.10
C PHE A 47 -10.90 12.81 -30.42
N SER A 48 -11.26 13.25 -31.63
CA SER A 48 -12.61 13.14 -32.14
C SER A 48 -13.15 11.70 -32.11
N ASN A 49 -12.34 10.75 -32.58
CA ASN A 49 -12.75 9.36 -32.77
C ASN A 49 -12.85 8.55 -31.49
N PHE A 50 -12.15 9.01 -30.45
CA PHE A 50 -12.02 8.25 -29.20
C PHE A 50 -13.20 8.46 -28.24
N SER A 51 -14.36 7.89 -28.60
CA SER A 51 -15.59 8.09 -27.86
C SER A 51 -15.75 7.25 -26.56
N GLU A 52 -14.79 6.36 -26.30
CA GLU A 52 -14.79 5.57 -25.07
C GLU A 52 -13.56 5.81 -24.21
N LEU A 53 -12.78 6.83 -24.55
CA LEU A 53 -11.57 7.11 -23.81
C LEU A 53 -11.96 7.67 -22.46
N GLN A 54 -11.45 7.07 -21.37
CA GLN A 54 -11.81 7.56 -20.02
C GLN A 54 -10.65 8.20 -19.26
N TRP A 55 -9.43 7.90 -19.70
CA TRP A 55 -8.22 8.37 -19.04
C TRP A 55 -7.19 8.71 -20.14
N LEU A 56 -6.76 9.97 -20.16
CA LEU A 56 -5.78 10.46 -21.13
C LEU A 56 -4.59 11.13 -20.41
N ASP A 57 -3.41 10.55 -20.53
CA ASP A 57 -2.19 11.12 -19.95
C ASP A 57 -1.42 11.97 -20.98
N LEU A 58 -1.32 13.26 -20.69
CA LEU A 58 -0.56 14.20 -21.47
C LEU A 58 0.50 14.86 -20.60
N SER A 59 1.03 14.13 -19.61
CA SER A 59 2.05 14.67 -18.70
C SER A 59 3.28 15.10 -19.46
N ARG A 60 3.71 16.35 -19.26
CA ARG A 60 4.90 16.89 -19.92
C ARG A 60 4.91 16.58 -21.42
N CYS A 61 4.11 17.34 -22.16
CA CYS A 61 4.00 17.14 -23.59
C CYS A 61 4.31 18.43 -24.32
N GLU A 62 4.89 19.37 -23.58
CA GLU A 62 5.32 20.68 -24.08
C GLU A 62 4.15 21.48 -24.67
N ILE A 63 2.95 21.23 -24.13
CA ILE A 63 1.75 21.84 -24.63
C ILE A 63 1.72 23.30 -24.21
N GLU A 64 1.64 24.18 -25.20
CA GLU A 64 1.63 25.63 -24.96
C GLU A 64 0.28 26.29 -25.22
N THR A 65 -0.52 25.67 -26.08
CA THR A 65 -1.84 26.18 -26.44
C THR A 65 -2.90 25.08 -26.62
N ILE A 66 -3.88 25.11 -25.73
CA ILE A 66 -5.11 24.33 -25.87
C ILE A 66 -6.00 25.04 -26.88
N GLU A 67 -6.03 24.49 -28.10
CA GLU A 67 -6.84 25.03 -29.19
C GLU A 67 -8.33 24.87 -28.89
N ASP A 68 -9.13 25.77 -29.47
CA ASP A 68 -10.58 25.73 -29.32
C ASP A 68 -11.11 24.37 -29.77
N LYS A 69 -12.10 23.85 -29.04
CA LYS A 69 -12.77 22.57 -29.35
C LYS A 69 -11.85 21.32 -29.35
N ALA A 70 -10.78 21.38 -28.55
CA ALA A 70 -9.76 20.31 -28.53
C ALA A 70 -10.30 18.98 -28.01
N TRP A 71 -11.24 19.06 -27.07
CA TRP A 71 -11.76 17.89 -26.37
C TRP A 71 -13.05 17.37 -26.96
N HIS A 72 -13.36 17.79 -28.19
CA HIS A 72 -14.65 17.53 -28.84
C HIS A 72 -15.23 16.15 -28.58
N GLY A 73 -14.56 15.11 -29.09
CA GLY A 73 -15.11 13.75 -29.09
C GLY A 73 -15.20 13.02 -27.75
N LEU A 74 -14.55 13.57 -26.73
CA LEU A 74 -14.26 12.89 -25.45
C LEU A 74 -15.28 13.12 -24.36
N HIS A 75 -16.55 12.96 -24.68
CA HIS A 75 -17.65 13.23 -23.75
C HIS A 75 -17.72 12.18 -22.64
N HIS A 76 -17.03 11.05 -22.82
CA HIS A 76 -16.93 9.99 -21.80
C HIS A 76 -15.66 10.03 -20.98
N LEU A 77 -14.80 11.00 -21.23
CA LEU A 77 -13.53 11.09 -20.51
C LEU A 77 -13.78 11.40 -19.05
N SER A 78 -13.04 10.77 -18.13
CA SER A 78 -13.23 10.99 -16.68
C SER A 78 -11.98 11.38 -15.93
N ASN A 79 -10.83 11.06 -16.52
CA ASN A 79 -9.52 11.42 -15.97
C ASN A 79 -8.72 12.18 -17.00
N LEU A 80 -8.46 13.45 -16.74
CA LEU A 80 -7.64 14.27 -17.63
C LEU A 80 -6.40 14.76 -16.90
N ILE A 81 -5.24 14.31 -17.35
CA ILE A 81 -3.96 14.63 -16.73
C ILE A 81 -3.16 15.60 -17.59
N LEU A 82 -2.90 16.79 -17.07
CA LEU A 82 -2.13 17.80 -17.81
C LEU A 82 -0.92 18.31 -17.05
N THR A 83 -0.26 17.46 -16.26
CA THR A 83 0.90 17.90 -15.48
C THR A 83 2.07 18.41 -16.35
N GLY A 84 2.60 19.57 -15.99
CA GLY A 84 3.83 20.10 -16.59
C GLY A 84 3.83 20.61 -18.02
N ASN A 85 2.67 21.06 -18.50
CA ASN A 85 2.62 21.76 -19.78
C ASN A 85 2.61 23.25 -19.52
N PRO A 86 3.49 23.99 -20.21
CA PRO A 86 3.58 25.46 -20.08
C PRO A 86 2.38 26.21 -20.65
N ILE A 87 1.17 25.66 -20.50
CA ILE A 87 -0.06 26.36 -20.92
C ILE A 87 -0.54 27.38 -19.91
N GLN A 88 0.36 28.24 -19.46
CA GLN A 88 0.08 29.32 -18.52
C GLN A 88 -1.36 29.91 -18.51
N SER A 89 -1.91 30.21 -19.68
CA SER A 89 -3.21 30.91 -19.78
C SER A 89 -4.34 30.05 -20.33
N PHE A 90 -5.38 29.83 -19.53
CA PHE A 90 -6.54 29.07 -20.02
C PHE A 90 -7.70 30.00 -20.43
N SER A 91 -7.90 30.15 -21.73
CA SER A 91 -9.04 30.91 -22.25
C SER A 91 -10.33 30.15 -21.96
N PRO A 92 -11.43 30.88 -21.67
CA PRO A 92 -12.68 30.12 -21.49
C PRO A 92 -12.98 29.23 -22.69
N GLY A 93 -13.61 28.07 -22.41
CA GLY A 93 -13.83 27.04 -23.41
C GLY A 93 -12.63 26.10 -23.54
N SER A 94 -11.68 26.22 -22.62
CA SER A 94 -10.55 25.33 -22.57
C SER A 94 -11.02 23.90 -22.39
N PHE A 95 -11.94 23.69 -21.46
CA PHE A 95 -12.36 22.34 -21.13
C PHE A 95 -13.72 21.94 -21.70
N SER A 96 -14.15 22.63 -22.76
CA SER A 96 -15.44 22.29 -23.38
C SER A 96 -15.36 20.92 -24.06
N GLY A 97 -16.44 20.15 -23.95
CA GLY A 97 -16.50 18.81 -24.53
C GLY A 97 -16.27 17.69 -23.52
N LEU A 98 -15.57 18.02 -22.43
CA LEU A 98 -15.29 17.12 -21.32
C LEU A 98 -16.46 17.02 -20.34
N THR A 99 -17.59 16.54 -20.86
CA THR A 99 -18.83 16.53 -20.11
C THR A 99 -18.93 15.41 -19.05
N SER A 100 -17.86 14.63 -18.85
CA SER A 100 -17.91 13.48 -17.93
C SER A 100 -16.74 13.42 -16.96
N LEU A 101 -16.01 14.52 -16.84
CA LEU A 101 -14.74 14.56 -16.12
C LEU A 101 -14.92 14.61 -14.62
N GLU A 102 -14.21 13.75 -13.90
CA GLU A 102 -14.20 13.78 -12.45
C GLU A 102 -12.83 14.21 -11.90
N ASN A 103 -11.82 14.22 -12.75
CA ASN A 103 -10.47 14.42 -12.29
C ASN A 103 -9.61 15.23 -13.22
N LEU A 104 -9.37 16.48 -12.86
CA LEU A 104 -8.49 17.32 -13.66
C LEU A 104 -7.26 17.61 -12.87
N VAL A 105 -6.13 17.33 -13.52
CA VAL A 105 -4.82 17.53 -12.97
C VAL A 105 -4.15 18.50 -13.90
N ALA A 106 -4.05 19.74 -13.44
CA ALA A 106 -3.24 20.74 -14.10
C ALA A 106 -2.15 21.15 -13.12
N VAL A 107 -1.28 20.21 -12.76
CA VAL A 107 -0.10 20.50 -11.96
C VAL A 107 0.98 21.15 -12.85
N GLU A 108 1.74 22.07 -12.26
CA GLU A 108 2.84 22.75 -12.97
C GLU A 108 2.47 23.18 -14.38
N THR A 109 1.32 23.84 -14.52
CA THR A 109 0.89 24.39 -15.82
C THR A 109 1.12 25.88 -15.86
N LYS A 110 1.78 26.37 -14.81
CA LYS A 110 2.03 27.79 -14.56
C LYS A 110 0.74 28.55 -14.26
N LEU A 111 -0.24 27.84 -13.71
CA LEU A 111 -1.55 28.41 -13.36
C LEU A 111 -1.47 29.52 -12.32
N ALA A 112 -1.96 30.70 -12.70
CA ALA A 112 -1.81 31.90 -11.89
C ALA A 112 -2.93 32.09 -10.85
N SER A 113 -4.19 31.94 -11.26
CA SER A 113 -5.31 32.08 -10.34
C SER A 113 -6.47 31.15 -10.68
N LEU A 114 -7.27 30.83 -9.66
CA LEU A 114 -8.48 30.00 -9.81
C LEU A 114 -9.69 30.74 -10.39
N GLU A 115 -9.71 32.07 -10.23
CA GLU A 115 -10.81 32.87 -10.79
C GLU A 115 -10.81 32.86 -12.32
N SER A 116 -9.64 32.96 -12.94
CA SER A 116 -9.54 32.85 -14.40
C SER A 116 -9.82 31.42 -14.88
N PHE A 117 -9.47 30.43 -14.06
CA PHE A 117 -9.59 29.01 -14.42
C PHE A 117 -11.02 28.59 -14.85
N PRO A 118 -11.18 28.23 -16.13
CA PRO A 118 -12.49 28.04 -16.74
C PRO A 118 -13.06 26.64 -16.53
N ILE A 119 -13.44 26.33 -15.29
CA ILE A 119 -13.96 24.99 -14.97
C ILE A 119 -15.42 24.96 -14.47
N GLY A 120 -16.01 26.16 -14.35
CA GLY A 120 -17.34 26.33 -13.77
C GLY A 120 -18.46 25.53 -14.40
N GLN A 121 -18.25 25.06 -15.63
CA GLN A 121 -19.26 24.24 -16.30
C GLN A 121 -18.89 22.75 -16.26
N LEU A 122 -17.86 22.42 -15.48
CA LEU A 122 -17.48 21.03 -15.25
C LEU A 122 -18.26 20.48 -14.05
N ILE A 123 -19.51 20.15 -14.33
CA ILE A 123 -20.47 19.72 -13.32
C ILE A 123 -20.14 18.31 -12.76
N THR A 124 -19.49 17.47 -13.57
CA THR A 124 -19.16 16.09 -13.14
C THR A 124 -17.94 16.01 -12.21
N LEU A 125 -17.13 17.05 -12.23
CA LEU A 125 -15.84 17.04 -11.57
C LEU A 125 -15.96 16.67 -10.09
N LYS A 126 -15.00 15.88 -9.60
CA LYS A 126 -14.90 15.45 -8.21
C LYS A 126 -13.60 15.94 -7.57
N LYS A 127 -12.47 15.66 -8.21
CA LYS A 127 -11.18 16.10 -7.67
C LYS A 127 -10.50 17.11 -8.58
N LEU A 128 -9.79 18.07 -7.99
CA LEU A 128 -9.09 19.10 -8.76
C LEU A 128 -7.70 19.29 -8.17
N ASN A 129 -6.68 18.94 -8.95
CA ASN A 129 -5.30 19.10 -8.50
C ASN A 129 -4.62 20.29 -9.17
N VAL A 130 -4.32 21.30 -8.37
CA VAL A 130 -3.66 22.50 -8.90
C VAL A 130 -2.40 22.88 -8.14
N ALA A 131 -1.73 21.85 -7.61
CA ALA A 131 -0.49 22.03 -6.89
C ALA A 131 0.61 22.48 -7.83
N HIS A 132 1.70 22.97 -7.26
CA HIS A 132 2.88 23.36 -8.01
C HIS A 132 2.55 24.32 -9.14
N ASN A 133 2.08 25.50 -8.77
CA ASN A 133 1.72 26.51 -9.74
C ASN A 133 2.13 27.86 -9.17
N PHE A 134 1.63 28.95 -9.75
CA PHE A 134 1.78 30.30 -9.19
C PHE A 134 0.46 30.86 -8.64
N ILE A 135 -0.28 30.09 -7.85
CA ILE A 135 -1.51 30.62 -7.27
C ILE A 135 -1.23 31.42 -6.00
N HIS A 136 -1.54 32.71 -6.03
CA HIS A 136 -1.30 33.56 -4.86
C HIS A 136 -2.53 33.72 -3.95
N SER A 137 -3.72 33.34 -4.45
CA SER A 137 -4.98 33.61 -3.78
C SER A 137 -5.63 32.36 -3.20
N CYS A 138 -5.86 32.38 -1.90
CA CYS A 138 -6.50 31.25 -1.23
C CYS A 138 -8.01 31.31 -1.41
N LYS A 139 -8.46 32.26 -2.24
CA LYS A 139 -9.86 32.41 -2.56
C LYS A 139 -10.43 31.11 -3.09
N LEU A 140 -11.55 30.68 -2.54
CA LEU A 140 -12.29 29.59 -3.10
C LEU A 140 -13.34 30.18 -4.01
N PRO A 141 -13.15 30.06 -5.33
CA PRO A 141 -14.01 30.65 -6.37
C PRO A 141 -15.51 30.46 -6.16
N ALA A 142 -16.28 31.43 -6.67
CA ALA A 142 -17.72 31.47 -6.50
C ALA A 142 -18.41 30.43 -7.38
N TYR A 143 -17.76 30.04 -8.47
CA TYR A 143 -18.33 29.04 -9.38
C TYR A 143 -18.38 27.64 -8.76
N PHE A 144 -17.78 27.49 -7.58
CA PHE A 144 -17.73 26.24 -6.83
C PHE A 144 -19.12 25.69 -6.49
N SER A 145 -20.05 26.61 -6.23
CA SER A 145 -21.45 26.26 -5.96
C SER A 145 -22.06 25.36 -7.06
N ASN A 146 -21.74 25.67 -8.32
CA ASN A 146 -22.10 24.79 -9.43
C ASN A 146 -21.42 23.43 -9.35
N LEU A 147 -20.14 23.45 -8.97
CA LEU A 147 -19.29 22.25 -8.98
C LEU A 147 -19.74 21.31 -7.86
N THR A 148 -20.98 20.88 -8.00
CA THR A 148 -21.72 20.26 -6.93
C THR A 148 -21.11 18.96 -6.39
N ASN A 149 -20.22 18.35 -7.17
CA ASN A 149 -19.64 17.05 -6.79
C ASN A 149 -18.16 17.07 -6.40
N LEU A 150 -17.52 18.22 -6.67
CA LEU A 150 -16.10 18.39 -6.44
C LEU A 150 -15.85 18.47 -4.95
N VAL A 151 -15.16 17.46 -4.42
CA VAL A 151 -14.93 17.38 -2.97
C VAL A 151 -13.47 17.45 -2.47
N HIS A 152 -12.51 17.32 -3.38
CA HIS A 152 -11.11 17.50 -3.01
C HIS A 152 -10.43 18.58 -3.81
N VAL A 153 -9.69 19.46 -3.12
CA VAL A 153 -8.91 20.50 -3.79
C VAL A 153 -7.54 20.67 -3.16
N ASP A 154 -6.51 20.29 -3.90
CA ASP A 154 -5.12 20.39 -3.45
C ASP A 154 -4.42 21.58 -4.08
N LEU A 155 -3.80 22.40 -3.24
CA LEU A 155 -3.03 23.55 -3.72
C LEU A 155 -1.65 23.55 -3.10
N SER A 156 -1.02 22.39 -3.06
CA SER A 156 0.31 22.27 -2.51
C SER A 156 1.36 22.99 -3.37
N TYR A 157 2.52 23.28 -2.78
CA TYR A 157 3.63 23.84 -3.53
C TYR A 157 3.15 25.00 -4.37
N ASN A 158 2.20 25.77 -3.84
CA ASN A 158 1.90 27.09 -4.35
C ASN A 158 2.38 28.18 -3.39
N TYR A 159 2.19 29.44 -3.80
CA TYR A 159 2.51 30.59 -2.97
C TYR A 159 1.22 31.13 -2.42
N ILE A 160 0.87 30.73 -1.20
CA ILE A 160 -0.25 31.35 -0.48
C ILE A 160 0.21 31.80 0.90
N GLN A 161 0.10 33.11 1.15
CA GLN A 161 0.63 33.70 2.36
C GLN A 161 -0.48 34.11 3.32
N THR A 162 -1.72 34.15 2.81
CA THR A 162 -2.83 34.72 3.54
C THR A 162 -4.17 34.02 3.33
N ILE A 163 -4.74 33.52 4.41
CA ILE A 163 -6.14 33.06 4.38
C ILE A 163 -7.00 34.17 4.97
N THR A 164 -7.91 34.72 4.17
CA THR A 164 -8.73 35.87 4.59
C THR A 164 -10.23 35.54 4.67
N VAL A 165 -10.93 36.17 5.62
CA VAL A 165 -12.38 35.86 5.84
C VAL A 165 -13.13 35.72 4.53
N ASN A 166 -12.70 36.45 3.51
CA ASN A 166 -13.35 36.34 2.24
C ASN A 166 -13.01 35.07 1.46
N ASP A 167 -11.77 34.59 1.56
CA ASP A 167 -11.33 33.41 0.80
C ASP A 167 -12.33 32.28 0.97
N LEU A 168 -12.76 32.11 2.21
CA LEU A 168 -13.63 31.01 2.63
C LEU A 168 -15.12 31.39 2.74
N GLN A 169 -15.47 32.58 2.27
CA GLN A 169 -16.83 33.09 2.38
C GLN A 169 -17.79 32.33 1.44
N PHE A 170 -17.37 31.15 1.01
CA PHE A 170 -18.17 30.32 0.12
C PHE A 170 -18.59 29.08 0.87
N LEU A 171 -17.73 28.64 1.79
CA LEU A 171 -17.99 27.50 2.66
C LEU A 171 -19.02 27.94 3.70
N ARG A 172 -19.13 29.26 3.87
CA ARG A 172 -20.07 29.90 4.78
C ARG A 172 -21.50 29.71 4.32
N GLU A 173 -21.83 30.29 3.17
CA GLU A 173 -23.19 30.21 2.65
C GLU A 173 -23.54 28.78 2.29
N ASN A 174 -22.52 27.92 2.25
CA ASN A 174 -22.72 26.52 1.92
C ASN A 174 -22.18 25.59 3.03
N PRO A 175 -22.90 25.52 4.17
CA PRO A 175 -22.48 24.55 5.20
C PRO A 175 -22.70 23.10 4.75
N GLN A 176 -23.69 22.89 3.89
CA GLN A 176 -24.02 21.57 3.35
C GLN A 176 -22.96 20.99 2.42
N VAL A 177 -21.86 21.72 2.19
CA VAL A 177 -20.84 21.29 1.23
C VAL A 177 -19.58 20.68 1.86
N ASN A 178 -19.39 19.39 1.57
CA ASN A 178 -18.32 18.58 2.13
C ASN A 178 -17.04 18.69 1.30
N LEU A 179 -16.10 19.49 1.78
CA LEU A 179 -14.90 19.80 1.02
C LEU A 179 -13.62 19.51 1.79
N SER A 180 -12.76 18.72 1.17
CA SER A 180 -11.40 18.46 1.66
C SER A 180 -10.47 19.42 0.97
N LEU A 181 -9.42 19.81 1.66
CA LEU A 181 -8.56 20.86 1.18
C LEU A 181 -7.14 20.65 1.70
N ASP A 182 -6.16 20.79 0.80
CA ASP A 182 -4.76 20.68 1.19
C ASP A 182 -3.91 21.84 0.69
N MET A 183 -3.33 22.58 1.64
CA MET A 183 -2.40 23.66 1.27
C MET A 183 -1.07 23.49 1.95
N SER A 184 -0.49 22.32 1.77
CA SER A 184 0.86 22.06 2.22
C SER A 184 1.86 22.76 1.29
N LEU A 185 3.02 23.11 1.84
CA LEU A 185 4.10 23.79 1.13
C LEU A 185 3.80 25.24 0.71
N ASN A 186 2.76 25.82 1.31
CA ASN A 186 2.51 27.24 1.12
C ASN A 186 3.11 28.11 2.25
N PRO A 187 3.75 29.25 1.90
CA PRO A 187 4.48 30.01 2.91
C PRO A 187 3.53 30.93 3.67
N ILE A 188 2.48 30.34 4.23
CA ILE A 188 1.49 31.08 4.98
C ILE A 188 2.13 31.78 6.17
N ASP A 189 1.82 33.06 6.34
CA ASP A 189 2.32 33.84 7.48
C ASP A 189 1.21 34.57 8.22
N PHE A 190 0.08 34.79 7.54
CA PHE A 190 -1.01 35.55 8.13
C PHE A 190 -2.40 34.99 7.85
N ILE A 191 -3.09 34.55 8.89
CA ILE A 191 -4.50 34.19 8.76
C ILE A 191 -5.33 35.26 9.44
N GLN A 192 -6.29 35.80 8.69
CA GLN A 192 -7.21 36.84 9.19
C GLN A 192 -8.02 36.38 10.39
N ASP A 193 -8.26 37.29 11.33
CA ASP A 193 -9.04 36.98 12.54
C ASP A 193 -10.45 36.54 12.21
N GLN A 194 -10.91 35.52 12.92
CA GLN A 194 -12.24 34.92 12.78
C GLN A 194 -12.51 34.34 11.37
N ALA A 195 -11.45 34.17 10.58
CA ALA A 195 -11.55 33.62 9.22
C ALA A 195 -12.32 32.32 9.21
N PHE A 196 -11.74 31.27 9.78
CA PHE A 196 -12.38 29.96 9.75
C PHE A 196 -13.60 29.88 10.65
N GLN A 197 -14.16 31.02 11.05
CA GLN A 197 -15.37 31.01 11.88
C GLN A 197 -16.60 30.67 11.06
N GLY A 198 -17.16 29.51 11.35
CA GLY A 198 -18.40 29.07 10.70
C GLY A 198 -18.25 28.06 9.59
N ILE A 199 -17.03 27.58 9.35
CA ILE A 199 -16.82 26.64 8.25
C ILE A 199 -16.54 25.20 8.73
N LYS A 200 -17.04 24.23 7.97
CA LYS A 200 -16.76 22.80 8.16
C LYS A 200 -15.88 22.30 7.01
N LEU A 201 -14.88 21.48 7.33
CA LEU A 201 -14.10 20.80 6.29
C LEU A 201 -13.92 19.36 6.69
N HIS A 202 -13.93 18.44 5.73
CA HIS A 202 -13.67 17.05 6.04
C HIS A 202 -12.21 16.85 6.45
N GLU A 203 -11.28 17.14 5.54
CA GLU A 203 -9.87 17.10 5.88
C GLU A 203 -9.10 18.33 5.40
N LEU A 204 -8.08 18.70 6.16
CA LEU A 204 -7.29 19.87 5.89
C LEU A 204 -5.84 19.52 6.14
N THR A 205 -4.99 19.81 5.17
CA THR A 205 -3.58 19.43 5.28
C THR A 205 -2.68 20.65 5.30
N LEU A 206 -1.92 20.78 6.38
CA LEU A 206 -0.99 21.88 6.57
C LEU A 206 0.38 21.35 6.92
N ARG A 207 1.18 21.04 5.90
CA ARG A 207 2.52 20.53 6.13
C ARG A 207 3.57 21.40 5.46
N GLY A 208 4.61 21.74 6.22
CA GLY A 208 5.68 22.61 5.74
C GLY A 208 5.09 23.95 5.31
N ASN A 209 4.40 24.61 6.22
CA ASN A 209 3.86 25.92 5.93
C ASN A 209 4.59 26.99 6.73
N PHE A 210 5.15 26.60 7.87
CA PHE A 210 5.58 27.56 8.88
C PHE A 210 7.08 27.66 9.08
N ASN A 211 7.58 28.88 8.88
CA ASN A 211 9.02 29.17 9.04
C ASN A 211 9.41 29.22 10.51
N SER A 212 8.52 29.75 11.34
CA SER A 212 8.73 29.84 12.77
C SER A 212 7.51 29.42 13.57
N SER A 213 7.79 28.72 14.67
CA SER A 213 6.79 28.30 15.63
C SER A 213 5.92 29.47 16.08
N ASN A 214 6.48 30.67 15.96
CA ASN A 214 5.79 31.89 16.38
C ASN A 214 4.77 32.31 15.35
N ILE A 215 5.20 32.35 14.09
CA ILE A 215 4.29 32.53 12.98
C ILE A 215 3.19 31.49 13.08
N MET A 216 3.58 30.26 13.46
CA MET A 216 2.66 29.13 13.58
C MET A 216 1.68 29.35 14.71
N LYS A 217 2.20 29.35 15.95
CA LYS A 217 1.37 29.56 17.14
C LYS A 217 0.30 30.61 16.86
N THR A 218 0.74 31.81 16.46
CA THR A 218 -0.17 32.91 16.18
C THR A 218 -1.22 32.57 15.10
N CYS A 219 -0.77 31.96 14.01
CA CYS A 219 -1.68 31.56 12.95
C CYS A 219 -2.63 30.47 13.40
N LEU A 220 -2.07 29.41 13.98
CA LEU A 220 -2.91 28.31 14.46
C LEU A 220 -4.08 28.77 15.34
N GLN A 221 -3.87 29.88 16.05
CA GLN A 221 -4.88 30.41 16.95
C GLN A 221 -6.14 30.87 16.22
N ASN A 222 -5.98 31.52 15.08
CA ASN A 222 -7.12 32.01 14.30
C ASN A 222 -7.96 30.96 13.53
N LEU A 223 -7.50 29.71 13.50
CA LEU A 223 -8.32 28.60 13.02
C LEU A 223 -9.58 28.46 13.88
N ALA A 224 -9.60 29.16 15.01
CA ALA A 224 -10.75 29.21 15.92
C ALA A 224 -12.07 29.18 15.19
N GLY A 225 -13.01 28.40 15.74
CA GLY A 225 -14.38 28.37 15.25
C GLY A 225 -14.59 27.53 14.00
N LEU A 226 -13.84 26.43 13.90
CA LEU A 226 -13.86 25.56 12.72
C LEU A 226 -14.03 24.09 13.09
N HIS A 227 -14.87 23.40 12.33
CA HIS A 227 -15.10 21.97 12.52
C HIS A 227 -14.32 21.19 11.48
N VAL A 228 -13.35 20.40 11.94
CA VAL A 228 -12.54 19.56 11.05
C VAL A 228 -12.63 18.10 11.48
N HIS A 229 -13.16 17.24 10.60
CA HIS A 229 -13.24 15.83 10.89
C HIS A 229 -11.83 15.29 10.98
N ARG A 230 -10.96 15.72 10.06
CA ARG A 230 -9.55 15.34 10.11
C ARG A 230 -8.53 16.43 9.77
N LEU A 231 -7.76 16.83 10.77
CA LEU A 231 -6.64 17.75 10.57
C LEU A 231 -5.27 17.10 10.70
N ILE A 232 -4.56 17.06 9.58
CA ILE A 232 -3.21 16.53 9.55
C ILE A 232 -2.23 17.67 9.68
N LEU A 233 -1.17 17.42 10.43
CA LEU A 233 -0.16 18.45 10.72
C LEU A 233 1.23 17.84 10.89
N GLY A 234 2.24 18.67 10.67
CA GLY A 234 3.61 18.22 10.78
C GLY A 234 4.32 18.79 9.58
N GLU A 235 5.48 18.23 9.27
CA GLU A 235 6.32 18.77 8.19
C GLU A 235 7.07 17.71 7.45
N PHE A 236 7.86 18.13 6.47
CA PHE A 236 8.63 17.19 5.68
C PHE A 236 10.07 17.11 6.09
N LYS A 237 10.70 16.01 5.70
CA LYS A 237 12.09 15.72 6.02
C LYS A 237 13.03 16.33 5.00
N ASP A 238 12.53 17.28 4.19
CA ASP A 238 13.34 17.87 3.12
C ASP A 238 12.90 19.27 2.71
N GLU A 239 12.15 19.93 3.59
CA GLU A 239 11.57 21.23 3.28
C GLU A 239 11.65 22.21 4.45
N ARG A 240 11.15 23.42 4.24
CA ARG A 240 11.09 24.43 5.31
C ARG A 240 10.74 23.79 6.66
N ASN A 241 11.76 23.58 7.48
CA ASN A 241 11.57 22.97 8.79
C ASN A 241 11.38 23.97 9.92
N LEU A 242 10.92 23.47 11.05
CA LEU A 242 10.85 24.27 12.26
C LEU A 242 12.16 24.16 13.03
N GLU A 243 12.50 25.24 13.73
CA GLU A 243 13.66 25.24 14.62
C GLU A 243 13.24 24.53 15.91
N ILE A 244 12.18 25.02 16.58
CA ILE A 244 11.65 24.35 17.78
C ILE A 244 10.13 24.16 17.76
N PHE A 245 9.70 22.93 18.02
CA PHE A 245 8.27 22.65 18.12
C PHE A 245 7.88 22.44 19.59
N GLU A 246 7.36 23.51 20.18
CA GLU A 246 6.96 23.51 21.59
C GLU A 246 5.46 23.28 21.72
N PRO A 247 5.08 22.28 22.57
CA PRO A 247 3.69 21.88 22.85
C PRO A 247 2.71 23.06 22.93
N SER A 248 3.23 24.23 23.30
CA SER A 248 2.44 25.45 23.44
C SER A 248 1.71 25.87 22.16
N ILE A 249 2.36 25.70 21.00
CA ILE A 249 1.80 26.10 19.70
C ILE A 249 0.33 25.64 19.52
N MET A 250 0.06 24.37 19.86
CA MET A 250 -1.28 23.77 19.80
C MET A 250 -2.41 24.53 20.53
N GLU A 251 -2.03 25.39 21.47
CA GLU A 251 -2.98 26.36 22.06
C GLU A 251 -3.73 27.11 20.94
N GLY A 252 -5.05 27.16 21.06
CA GLY A 252 -5.88 27.75 20.02
C GLY A 252 -6.63 26.67 19.26
N LEU A 253 -5.96 25.54 19.06
CA LEU A 253 -6.62 24.31 18.59
C LEU A 253 -7.66 23.91 19.63
N CYS A 254 -7.66 24.64 20.73
CA CYS A 254 -8.59 24.44 21.82
C CYS A 254 -9.90 25.17 21.53
N ASP A 255 -9.98 25.79 20.34
CA ASP A 255 -11.23 26.34 19.81
C ASP A 255 -11.75 25.45 18.70
N VAL A 256 -10.88 25.16 17.75
CA VAL A 256 -11.24 24.32 16.61
C VAL A 256 -11.75 22.99 17.14
N THR A 257 -12.93 22.59 16.67
CA THR A 257 -13.52 21.31 17.08
C THR A 257 -13.00 20.17 16.19
N ILE A 258 -12.26 19.25 16.80
CA ILE A 258 -11.58 18.20 16.03
C ILE A 258 -12.03 16.76 16.38
N ASP A 259 -12.14 15.94 15.34
CA ASP A 259 -12.43 14.53 15.52
C ASP A 259 -11.17 13.69 15.38
N GLU A 260 -10.39 13.95 14.32
CA GLU A 260 -9.17 13.21 14.08
C GLU A 260 -8.00 14.15 13.84
N PHE A 261 -6.94 13.91 14.60
CA PHE A 261 -5.77 14.76 14.59
C PHE A 261 -4.59 13.90 14.23
N ARG A 262 -3.99 14.18 13.09
CA ARG A 262 -2.91 13.36 12.63
C ARG A 262 -1.60 14.13 12.63
N LEU A 263 -0.62 13.58 13.34
CA LEU A 263 0.71 14.14 13.39
C LEU A 263 1.65 13.33 12.49
N THR A 264 2.53 14.03 11.79
CA THR A 264 3.54 13.38 10.93
C THR A 264 4.93 13.84 11.34
N TYR A 265 5.93 13.62 10.50
CA TYR A 265 7.33 13.86 10.89
C TYR A 265 7.59 15.30 11.24
N THR A 266 8.12 15.50 12.44
CA THR A 266 8.50 16.82 12.91
C THR A 266 10.00 16.85 13.05
N ASN A 267 10.60 18.02 12.84
CA ASN A 267 12.04 18.18 12.99
C ASN A 267 12.48 18.11 14.44
N ASP A 268 11.70 18.72 15.32
CA ASP A 268 11.97 18.64 16.75
C ASP A 268 10.70 18.21 17.49
N PHE A 269 10.78 17.08 18.17
CA PHE A 269 9.61 16.52 18.83
C PHE A 269 9.87 16.24 20.29
N SER A 270 8.85 16.48 21.12
CA SER A 270 8.88 16.16 22.55
C SER A 270 7.83 15.09 22.78
N ASP A 271 8.20 14.06 23.53
CA ASP A 271 7.25 12.97 23.81
C ASP A 271 6.01 13.46 24.58
N ASP A 272 5.95 14.77 24.80
CA ASP A 272 4.90 15.38 25.62
C ASP A 272 3.89 16.19 24.81
N ILE A 273 4.33 16.79 23.71
CA ILE A 273 3.43 17.53 22.83
C ILE A 273 2.14 16.73 22.55
N VAL A 274 2.25 15.41 22.52
CA VAL A 274 1.08 14.52 22.33
C VAL A 274 0.16 14.47 23.55
N LYS A 275 0.71 14.74 24.72
CA LYS A 275 -0.06 14.80 25.97
C LYS A 275 -0.88 16.09 26.08
N PHE A 276 -0.55 17.10 25.27
CA PHE A 276 -1.11 18.45 25.39
C PHE A 276 -2.63 18.50 25.58
N HIS A 277 -3.08 19.42 26.43
CA HIS A 277 -4.48 19.47 26.88
C HIS A 277 -5.48 19.86 25.78
N CYS A 278 -5.01 20.49 24.71
CA CYS A 278 -5.91 20.81 23.59
C CYS A 278 -6.18 19.57 22.74
N LEU A 279 -5.53 18.45 23.10
CA LEU A 279 -5.80 17.14 22.49
C LEU A 279 -6.63 16.24 23.40
N ALA A 280 -7.10 16.79 24.52
CA ALA A 280 -7.91 16.08 25.52
C ALA A 280 -9.13 15.33 24.96
N ASN A 281 -10.04 16.08 24.33
CA ASN A 281 -11.31 15.51 23.92
C ASN A 281 -11.37 15.24 22.41
N VAL A 282 -10.40 14.46 21.95
CA VAL A 282 -10.33 14.03 20.56
C VAL A 282 -10.81 12.59 20.51
N SER A 283 -11.47 12.19 19.43
CA SER A 283 -11.90 10.80 19.31
C SER A 283 -10.85 9.92 18.62
N ALA A 284 -10.00 10.55 17.82
CA ALA A 284 -9.03 9.81 17.02
C ALA A 284 -7.68 10.50 16.96
N MET A 285 -6.66 9.80 17.44
CA MET A 285 -5.31 10.33 17.54
C MET A 285 -4.41 9.50 16.65
N SER A 286 -3.81 10.15 15.65
CA SER A 286 -2.90 9.49 14.69
C SER A 286 -1.50 10.09 14.64
N LEU A 287 -0.49 9.23 14.83
CA LEU A 287 0.91 9.62 14.69
C LEU A 287 1.55 8.79 13.61
N ALA A 288 2.09 9.46 12.60
CA ALA A 288 2.74 8.79 11.50
C ALA A 288 4.12 9.36 11.24
N GLY A 289 5.13 8.50 11.39
CA GLY A 289 6.51 8.88 11.10
C GLY A 289 7.09 9.85 12.12
N VAL A 290 6.75 9.62 13.39
CA VAL A 290 7.09 10.55 14.49
C VAL A 290 8.38 10.16 15.23
N SER A 291 9.16 11.19 15.56
CA SER A 291 10.38 11.04 16.37
C SER A 291 10.08 10.74 17.85
N ILE A 292 8.88 10.23 18.13
CA ILE A 292 8.51 9.80 19.48
C ILE A 292 9.28 8.54 19.84
N LYS A 293 9.73 8.44 21.08
CA LYS A 293 10.50 7.29 21.53
C LYS A 293 9.84 6.56 22.70
N TYR A 294 9.10 7.28 23.54
CA TYR A 294 8.41 6.71 24.71
C TYR A 294 7.01 7.26 24.76
N LEU A 295 6.04 6.46 25.22
CA LEU A 295 4.67 6.96 25.48
C LEU A 295 4.00 6.35 26.71
N GLU A 296 3.87 7.15 27.78
CA GLU A 296 3.18 6.72 28.99
C GLU A 296 2.54 7.87 29.77
N ASP A 297 2.87 9.10 29.41
CA ASP A 297 2.25 10.24 30.08
C ASP A 297 0.91 10.56 29.42
N VAL A 298 -0.03 9.63 29.59
CA VAL A 298 -1.38 9.77 29.04
C VAL A 298 -2.38 9.79 30.19
N PRO A 299 -3.01 10.95 30.46
CA PRO A 299 -4.00 11.07 31.53
C PRO A 299 -5.30 10.29 31.28
N LYS A 300 -5.89 9.78 32.36
CA LYS A 300 -7.02 8.88 32.29
C LYS A 300 -8.34 9.57 31.91
N HIS A 301 -8.31 10.88 31.75
CA HIS A 301 -9.53 11.61 31.34
C HIS A 301 -9.65 11.86 29.83
N PHE A 302 -8.55 11.63 29.10
CA PHE A 302 -8.46 11.74 27.64
C PHE A 302 -9.45 10.83 26.93
N LYS A 303 -10.36 11.42 26.16
CA LYS A 303 -11.53 10.72 25.61
C LYS A 303 -11.27 10.02 24.27
N TRP A 304 -10.09 9.42 24.15
CA TRP A 304 -9.68 8.79 22.92
C TRP A 304 -10.39 7.47 22.71
N GLN A 305 -11.00 7.34 21.53
CA GLN A 305 -11.69 6.14 21.08
C GLN A 305 -10.77 5.32 20.16
N SER A 306 -9.91 5.99 19.41
CA SER A 306 -8.87 5.27 18.66
C SER A 306 -7.47 5.86 18.86
N LEU A 307 -6.45 5.03 18.66
CA LEU A 307 -5.08 5.52 18.57
C LEU A 307 -4.32 4.80 17.48
N SER A 308 -3.67 5.58 16.62
CA SER A 308 -2.83 5.07 15.54
C SER A 308 -1.35 5.47 15.65
N ILE A 309 -0.49 4.45 15.71
CA ILE A 309 0.96 4.63 15.82
C ILE A 309 1.65 3.89 14.67
N ILE A 310 2.17 4.67 13.73
CA ILE A 310 2.72 4.11 12.48
C ILE A 310 4.08 4.68 12.16
N ARG A 311 4.96 3.81 11.67
CA ARG A 311 6.35 4.16 11.30
C ARG A 311 7.03 5.07 12.32
N CYS A 312 6.89 4.75 13.60
CA CYS A 312 7.38 5.61 14.69
C CYS A 312 8.63 5.08 15.33
N GLN A 313 9.04 5.68 16.46
CA GLN A 313 10.34 5.38 17.04
C GLN A 313 10.30 5.00 18.54
N LEU A 314 9.37 4.12 18.88
CA LEU A 314 9.24 3.67 20.25
C LEU A 314 10.32 2.66 20.63
N LYS A 315 10.93 2.90 21.79
CA LYS A 315 12.01 2.08 22.29
C LYS A 315 11.51 1.07 23.34
N GLN A 316 10.32 1.34 23.88
CA GLN A 316 9.60 0.43 24.80
C GLN A 316 8.12 0.46 24.43
N PHE A 317 7.44 -0.67 24.60
CA PHE A 317 6.01 -0.71 24.36
C PHE A 317 5.28 0.35 25.19
N PRO A 318 4.34 1.10 24.57
CA PRO A 318 3.55 2.09 25.29
C PRO A 318 2.86 1.42 26.46
N THR A 319 2.42 2.21 27.42
CA THR A 319 1.73 1.66 28.56
C THR A 319 0.59 2.59 28.97
N LEU A 320 -0.62 2.20 28.60
CA LEU A 320 -1.78 3.10 28.66
C LEU A 320 -2.95 2.44 29.38
N ASP A 321 -4.08 3.17 29.42
CA ASP A 321 -5.29 2.64 30.02
C ASP A 321 -6.48 3.58 29.86
N LEU A 322 -6.53 4.26 28.71
CA LEU A 322 -7.63 5.17 28.42
C LEU A 322 -8.90 4.35 28.32
N PRO A 323 -9.89 4.67 29.16
CA PRO A 323 -11.15 3.95 29.34
C PRO A 323 -11.96 3.71 28.06
N PHE A 324 -12.09 4.72 27.21
CA PHE A 324 -13.00 4.62 26.07
C PHE A 324 -12.29 4.17 24.79
N LEU A 325 -11.01 3.81 24.92
CA LEU A 325 -10.19 3.39 23.77
C LEU A 325 -10.66 2.08 23.15
N LYS A 326 -11.32 2.20 21.99
CA LYS A 326 -11.87 1.06 21.28
C LYS A 326 -10.83 0.38 20.41
N SER A 327 -10.14 1.18 19.59
CA SER A 327 -9.19 0.60 18.66
C SER A 327 -7.78 1.06 18.95
N LEU A 328 -6.84 0.14 18.78
CA LEU A 328 -5.42 0.48 18.88
C LEU A 328 -4.56 -0.18 17.82
N THR A 329 -3.78 0.66 17.13
CA THR A 329 -2.91 0.24 16.06
C THR A 329 -1.51 0.70 16.38
N LEU A 330 -0.57 -0.21 16.33
CA LEU A 330 0.83 0.14 16.48
C LEU A 330 1.59 -0.68 15.47
N THR A 331 1.99 -0.04 14.38
CA THR A 331 2.51 -0.75 13.21
C THR A 331 3.74 -0.08 12.59
N MET A 332 4.61 -0.90 12.00
CA MET A 332 5.79 -0.43 11.30
C MET A 332 6.69 0.40 12.20
N ASN A 333 7.32 -0.25 13.17
CA ASN A 333 8.04 0.49 14.18
C ASN A 333 9.56 0.39 14.07
N LYS A 334 10.18 1.55 13.89
CA LYS A 334 11.64 1.73 13.78
C LYS A 334 12.46 0.60 14.40
N GLY A 335 12.33 0.44 15.71
CA GLY A 335 13.17 -0.50 16.45
C GLY A 335 12.50 -1.84 16.64
N SER A 336 12.78 -2.48 17.76
CA SER A 336 12.20 -3.77 18.07
C SER A 336 11.69 -3.86 19.53
N ILE A 337 10.60 -3.16 19.83
CA ILE A 337 10.03 -3.22 21.18
C ILE A 337 9.61 -4.64 21.58
N SER A 338 9.06 -4.77 22.78
CA SER A 338 8.50 -6.03 23.26
C SER A 338 7.17 -5.74 23.96
N PHE A 339 6.23 -6.68 23.83
CA PHE A 339 4.91 -6.51 24.40
C PHE A 339 5.02 -6.09 25.85
N LYS A 340 4.05 -5.31 26.30
CA LYS A 340 4.01 -4.88 27.69
C LYS A 340 2.57 -4.73 28.11
N LYS A 341 2.24 -5.43 29.20
CA LYS A 341 0.92 -5.42 29.83
C LYS A 341 0.27 -4.03 29.88
N VAL A 342 -1.02 -3.99 29.54
CA VAL A 342 -1.79 -2.75 29.47
C VAL A 342 -3.28 -3.06 29.67
N ALA A 343 -4.01 -2.18 30.37
CA ALA A 343 -5.45 -2.42 30.65
C ALA A 343 -6.37 -1.42 29.94
N LEU A 344 -7.01 -1.89 28.86
CA LEU A 344 -7.94 -1.06 28.07
C LEU A 344 -9.34 -1.65 28.03
N PRO A 345 -10.20 -1.24 28.99
CA PRO A 345 -11.61 -1.66 29.11
C PRO A 345 -12.35 -1.75 27.76
N SER A 346 -12.33 -0.68 26.97
CA SER A 346 -13.17 -0.60 25.76
C SER A 346 -12.52 -1.15 24.49
N LEU A 347 -11.40 -1.85 24.63
CA LEU A 347 -10.64 -2.32 23.47
C LEU A 347 -11.37 -3.43 22.72
N SER A 348 -11.60 -3.20 21.43
CA SER A 348 -12.24 -4.19 20.59
C SER A 348 -11.46 -4.43 19.29
N TYR A 349 -10.43 -3.62 19.05
CA TYR A 349 -9.57 -3.77 17.87
C TYR A 349 -8.12 -3.53 18.21
N LEU A 350 -7.32 -4.59 18.17
CA LEU A 350 -5.87 -4.47 18.42
C LEU A 350 -5.02 -4.87 17.20
N ASP A 351 -4.22 -3.91 16.74
CA ASP A 351 -3.45 -4.01 15.51
C ASP A 351 -1.99 -3.78 15.88
N LEU A 352 -1.16 -4.83 15.77
CA LEU A 352 0.20 -4.76 16.28
C LEU A 352 1.21 -5.28 15.28
N SER A 353 0.82 -5.35 14.00
CA SER A 353 1.64 -5.97 12.96
C SER A 353 2.89 -5.20 12.54
N ARG A 354 3.83 -5.91 11.89
CA ARG A 354 5.04 -5.34 11.29
C ARG A 354 5.88 -4.49 12.25
N ASN A 355 6.20 -5.07 13.40
CA ASN A 355 7.18 -4.51 14.32
C ASN A 355 8.06 -5.70 14.62
N ALA A 356 9.37 -5.53 14.63
CA ALA A 356 10.29 -6.65 14.92
C ALA A 356 9.98 -7.24 16.31
N LEU A 357 8.74 -6.96 16.74
CA LEU A 357 8.21 -7.19 18.08
C LEU A 357 8.20 -8.62 18.59
N SER A 358 8.53 -8.79 19.87
CA SER A 358 8.40 -10.08 20.53
C SER A 358 7.38 -10.04 21.67
N PHE A 359 6.63 -11.11 21.79
CA PHE A 359 5.57 -11.24 22.77
C PHE A 359 5.75 -12.62 23.37
N SER A 360 5.94 -12.68 24.69
CA SER A 360 5.93 -13.97 25.39
C SER A 360 4.96 -13.97 26.58
N GLY A 361 4.08 -14.96 26.59
CA GLY A 361 3.03 -15.05 27.60
C GLY A 361 1.69 -14.61 27.08
N CYS A 362 1.24 -15.23 25.98
CA CYS A 362 0.04 -14.83 25.26
C CYS A 362 -1.00 -15.94 25.28
N CYS A 363 -2.28 -15.63 25.58
CA CYS A 363 -2.79 -14.30 25.94
C CYS A 363 -4.06 -14.50 26.76
N SER A 364 -4.51 -13.45 27.44
CA SER A 364 -5.63 -13.50 28.38
C SER A 364 -6.00 -12.10 28.81
N TYR A 365 -7.16 -11.96 29.47
CA TYR A 365 -7.64 -10.67 30.01
C TYR A 365 -6.50 -9.83 30.57
N SER A 366 -5.82 -10.37 31.58
CA SER A 366 -4.69 -9.70 32.22
C SER A 366 -3.77 -8.97 31.23
N ASP A 367 -3.43 -9.65 30.13
CA ASP A 367 -2.58 -9.08 29.08
C ASP A 367 -3.05 -7.74 28.54
N LEU A 368 -4.36 -7.49 28.58
CA LEU A 368 -4.96 -6.36 27.86
C LEU A 368 -6.08 -5.64 28.61
N GLY A 369 -6.72 -6.33 29.55
CA GLY A 369 -7.75 -5.74 30.38
C GLY A 369 -9.06 -5.45 29.67
N THR A 370 -9.49 -6.38 28.84
CA THR A 370 -10.82 -6.35 28.23
C THR A 370 -11.24 -7.73 27.74
N ASN A 371 -12.55 -7.90 27.58
CA ASN A 371 -13.08 -9.14 27.01
C ASN A 371 -13.59 -8.88 25.60
N SER A 372 -14.03 -7.65 25.37
CA SER A 372 -14.63 -7.20 24.11
C SER A 372 -13.80 -7.37 22.83
N LEU A 373 -12.55 -7.82 22.95
CA LEU A 373 -11.64 -8.02 21.80
C LEU A 373 -12.14 -8.95 20.67
N ARG A 374 -12.35 -8.38 19.47
CA ARG A 374 -12.81 -9.13 18.28
C ARG A 374 -11.68 -9.32 17.23
N HIS A 375 -10.95 -8.24 16.98
CA HIS A 375 -9.82 -8.25 16.09
C HIS A 375 -8.55 -8.32 16.92
N LEU A 376 -7.55 -9.03 16.41
CA LEU A 376 -6.18 -9.05 16.97
C LEU A 376 -5.17 -9.41 15.88
N ASP A 377 -4.29 -8.47 15.55
CA ASP A 377 -3.28 -8.72 14.54
C ASP A 377 -1.86 -8.67 15.09
N LEU A 378 -1.17 -9.81 14.96
CA LEU A 378 0.17 -9.97 15.51
C LEU A 378 1.13 -10.50 14.45
N SER A 379 0.89 -10.11 13.21
CA SER A 379 1.62 -10.69 12.11
C SER A 379 2.87 -9.87 11.81
N PHE A 380 3.84 -10.51 11.14
CA PHE A 380 5.08 -9.86 10.67
C PHE A 380 5.91 -9.30 11.82
N ASN A 381 5.90 -10.03 12.93
CA ASN A 381 6.68 -9.71 14.10
C ASN A 381 7.78 -10.75 14.28
N GLY A 382 8.28 -10.87 15.51
CA GLY A 382 9.32 -11.83 15.83
C GLY A 382 8.79 -13.02 16.62
N ALA A 383 9.30 -13.18 17.84
CA ALA A 383 9.12 -14.40 18.59
C ALA A 383 7.92 -14.32 19.53
N ILE A 384 6.82 -14.90 19.07
CA ILE A 384 5.59 -14.93 19.85
C ILE A 384 5.49 -16.25 20.59
N ILE A 385 5.80 -16.21 21.88
CA ILE A 385 5.81 -17.41 22.70
C ILE A 385 4.43 -17.68 23.32
N MET A 386 3.90 -18.86 23.01
CA MET A 386 2.57 -19.24 23.45
C MET A 386 2.62 -19.84 24.85
N SER A 387 1.96 -19.15 25.77
CA SER A 387 2.02 -19.49 27.19
C SER A 387 0.66 -19.92 27.70
N ALA A 388 -0.27 -18.97 27.77
CA ALA A 388 -1.64 -19.21 28.17
C ALA A 388 -2.49 -19.44 26.94
N ASN A 389 -3.79 -19.68 27.12
CA ASN A 389 -4.64 -20.19 26.05
C ASN A 389 -5.78 -19.31 25.57
N PHE A 390 -5.60 -17.99 25.60
CA PHE A 390 -6.66 -17.06 25.21
C PHE A 390 -7.85 -17.03 26.18
N MET A 391 -7.56 -17.52 27.39
CA MET A 391 -8.51 -17.64 28.50
C MET A 391 -8.96 -16.27 28.97
N GLY A 392 -10.23 -15.96 28.77
CA GLY A 392 -10.77 -14.66 29.11
C GLY A 392 -11.04 -13.76 27.92
N LEU A 393 -10.61 -14.21 26.74
CA LEU A 393 -10.75 -13.44 25.47
C LEU A 393 -11.63 -14.13 24.42
N GLU A 394 -12.62 -14.88 24.89
CA GLU A 394 -13.58 -15.63 24.06
C GLU A 394 -14.24 -14.85 22.91
N GLU A 395 -14.45 -13.54 23.07
CA GLU A 395 -15.13 -12.74 22.05
C GLU A 395 -14.30 -12.48 20.81
N LEU A 396 -13.04 -12.91 20.87
CA LEU A 396 -12.08 -12.76 19.80
C LEU A 396 -12.48 -13.60 18.61
N GLN A 397 -12.42 -13.00 17.42
CA GLN A 397 -12.88 -13.67 16.20
C GLN A 397 -11.98 -13.50 14.95
N HIS A 398 -10.79 -12.92 15.14
CA HIS A 398 -9.83 -12.66 14.07
C HIS A 398 -8.40 -12.73 14.61
N LEU A 399 -7.75 -13.86 14.38
CA LEU A 399 -6.40 -14.03 14.85
C LEU A 399 -5.39 -14.16 13.68
N ASP A 400 -4.40 -13.28 13.64
CA ASP A 400 -3.44 -13.30 12.52
C ASP A 400 -1.96 -13.34 12.96
N PHE A 401 -1.30 -14.46 12.74
CA PHE A 401 0.09 -14.60 13.15
C PHE A 401 1.07 -14.73 11.99
N GLN A 402 0.70 -14.29 10.80
CA GLN A 402 1.53 -14.43 9.60
C GLN A 402 3.00 -14.06 9.73
N HIS A 403 3.87 -14.94 9.22
CA HIS A 403 5.33 -14.74 9.20
C HIS A 403 5.93 -14.36 10.55
N SER A 404 5.18 -14.55 11.64
CA SER A 404 5.73 -14.33 12.97
C SER A 404 6.06 -15.66 13.62
N THR A 405 7.22 -15.72 14.25
CA THR A 405 7.68 -16.98 14.82
C THR A 405 6.86 -17.29 16.06
N LEU A 406 5.90 -18.19 15.89
CA LEU A 406 5.09 -18.66 17.01
C LEU A 406 5.88 -19.71 17.75
N LYS A 407 5.78 -19.70 19.07
CA LYS A 407 6.46 -20.70 19.85
C LYS A 407 5.48 -21.48 20.71
N ARG A 408 5.83 -22.71 21.02
CA ARG A 408 5.12 -23.53 21.98
C ARG A 408 3.64 -23.76 21.67
N VAL A 409 3.25 -23.71 20.39
CA VAL A 409 1.84 -23.88 20.01
C VAL A 409 1.46 -25.36 19.81
N THR A 410 2.41 -26.14 19.29
CA THR A 410 2.30 -27.59 19.16
C THR A 410 2.31 -28.25 20.56
N GLU A 411 2.91 -27.55 21.52
CA GLU A 411 3.08 -27.99 22.90
C GLU A 411 1.72 -28.16 23.61
N PHE A 412 1.08 -27.04 23.88
CA PHE A 412 -0.23 -27.00 24.57
C PHE A 412 -1.37 -27.15 23.54
N SER A 413 -2.55 -26.64 23.89
CA SER A 413 -3.66 -26.60 22.96
C SER A 413 -4.10 -25.15 22.78
N ALA A 414 -3.08 -24.30 22.65
CA ALA A 414 -3.15 -22.83 22.48
C ALA A 414 -4.49 -22.08 22.28
N PHE A 415 -5.31 -22.53 21.35
CA PHE A 415 -6.51 -21.81 20.95
C PHE A 415 -7.74 -22.34 21.67
N LEU A 416 -7.49 -23.32 22.55
CA LEU A 416 -8.46 -24.06 23.35
C LEU A 416 -9.74 -23.33 23.76
N SER A 417 -9.65 -22.04 24.09
CA SER A 417 -10.82 -21.33 24.59
C SER A 417 -11.47 -20.37 23.59
N LEU A 418 -11.10 -20.49 22.31
CA LEU A 418 -11.62 -19.58 21.27
C LEU A 418 -12.81 -20.14 20.48
N GLU A 419 -13.95 -20.21 21.16
CA GLU A 419 -15.17 -20.81 20.60
C GLU A 419 -15.89 -19.88 19.62
N LYS A 420 -15.26 -18.78 19.24
CA LYS A 420 -15.94 -17.83 18.39
C LYS A 420 -15.05 -17.33 17.27
N LEU A 421 -13.77 -17.72 17.31
CA LEU A 421 -12.82 -17.34 16.28
C LEU A 421 -13.30 -17.80 14.90
N LEU A 422 -13.38 -16.87 13.96
CA LEU A 422 -13.85 -17.19 12.62
C LEU A 422 -12.68 -17.24 11.64
N TYR A 423 -11.68 -16.43 11.90
CA TYR A 423 -10.55 -16.25 11.00
C TYR A 423 -9.24 -16.44 11.75
N LEU A 424 -8.54 -17.52 11.42
CA LEU A 424 -7.22 -17.77 11.96
C LEU A 424 -6.21 -17.96 10.85
N ASP A 425 -5.14 -17.20 10.93
CA ASP A 425 -4.06 -17.32 9.97
C ASP A 425 -2.77 -17.57 10.72
N ILE A 426 -2.19 -18.75 10.50
CA ILE A 426 -0.85 -19.08 11.04
C ILE A 426 0.13 -19.38 9.90
N SER A 427 -0.01 -18.63 8.81
CA SER A 427 0.79 -18.86 7.60
C SER A 427 2.24 -18.47 7.76
N TYR A 428 3.11 -19.36 7.29
CA TYR A 428 4.55 -19.16 7.29
C TYR A 428 5.07 -18.73 8.67
N THR A 429 4.45 -19.28 9.70
CA THR A 429 4.91 -19.05 11.05
C THR A 429 5.96 -20.09 11.36
N ASN A 430 6.38 -20.80 10.32
CA ASN A 430 7.44 -21.80 10.46
C ASN A 430 7.09 -22.77 11.57
N THR A 431 6.09 -23.61 11.32
CA THR A 431 5.58 -24.54 12.32
C THR A 431 5.61 -26.01 11.84
N LYS A 432 5.77 -26.92 12.80
CA LYS A 432 5.76 -28.36 12.56
C LYS A 432 4.68 -28.96 13.42
N ILE A 433 3.69 -29.59 12.80
CA ILE A 433 2.60 -30.19 13.57
C ILE A 433 3.00 -31.55 14.15
N ASP A 434 3.04 -31.62 15.48
CA ASP A 434 3.17 -32.87 16.22
C ASP A 434 1.79 -33.17 16.79
N PHE A 435 1.32 -32.25 17.61
CA PHE A 435 0.10 -32.42 18.39
C PHE A 435 -1.13 -32.48 17.50
N ASP A 436 -2.09 -33.30 17.94
CA ASP A 436 -3.34 -33.55 17.22
C ASP A 436 -4.45 -32.58 17.59
N GLY A 437 -4.32 -31.93 18.74
CA GLY A 437 -5.38 -31.06 19.24
C GLY A 437 -4.99 -29.61 19.12
N ILE A 438 -4.06 -29.32 18.22
CA ILE A 438 -3.58 -27.95 18.04
C ILE A 438 -4.76 -26.99 17.84
N PHE A 439 -5.72 -27.39 17.00
CA PHE A 439 -6.86 -26.54 16.64
C PHE A 439 -8.11 -26.83 17.47
N LEU A 440 -7.94 -27.65 18.48
CA LEU A 440 -9.01 -28.04 19.37
C LEU A 440 -9.55 -26.83 20.14
N GLY A 441 -10.84 -26.55 19.97
CA GLY A 441 -11.49 -25.40 20.62
C GLY A 441 -12.08 -24.42 19.63
N LEU A 442 -11.52 -24.39 18.43
CA LEU A 442 -11.95 -23.50 17.35
C LEU A 442 -13.14 -24.07 16.58
N THR A 443 -14.26 -24.19 17.28
CA THR A 443 -15.45 -24.83 16.71
C THR A 443 -16.33 -23.85 15.95
N SER A 444 -16.00 -22.56 15.98
CA SER A 444 -16.72 -21.61 15.17
C SER A 444 -15.92 -21.19 13.94
N LEU A 445 -14.71 -21.73 13.81
CA LEU A 445 -13.78 -21.38 12.73
C LEU A 445 -14.34 -21.61 11.35
N ASN A 446 -14.08 -20.67 10.46
CA ASN A 446 -14.50 -20.77 9.07
C ASN A 446 -13.34 -20.77 8.12
N THR A 447 -12.48 -19.76 8.28
CA THR A 447 -11.32 -19.56 7.44
C THR A 447 -10.09 -20.02 8.21
N LEU A 448 -9.37 -20.99 7.65
CA LEU A 448 -8.06 -21.37 8.20
C LEU A 448 -6.94 -21.33 7.16
N LYS A 449 -6.27 -20.18 7.10
CA LYS A 449 -5.06 -20.05 6.31
C LYS A 449 -3.90 -20.57 7.15
N MET A 450 -3.10 -21.47 6.59
CA MET A 450 -1.94 -22.00 7.30
C MET A 450 -0.87 -22.56 6.36
N ALA A 451 -0.44 -21.74 5.41
CA ALA A 451 0.42 -22.20 4.33
C ALA A 451 1.90 -22.09 4.64
N GLY A 452 2.71 -22.92 3.97
CA GLY A 452 4.17 -22.84 4.07
C GLY A 452 4.76 -23.26 5.41
N ASN A 453 3.98 -24.00 6.20
CA ASN A 453 4.51 -24.64 7.39
C ASN A 453 4.98 -26.02 7.03
N SER A 454 4.70 -27.00 7.90
CA SER A 454 5.09 -28.39 7.64
C SER A 454 4.41 -29.37 8.61
N PHE A 455 4.55 -30.66 8.32
CA PHE A 455 3.94 -31.69 9.15
C PHE A 455 4.96 -32.77 9.52
N LYS A 456 4.81 -33.33 10.71
CA LYS A 456 5.50 -34.58 11.08
C LYS A 456 5.54 -35.55 9.90
N ASP A 457 6.72 -36.12 9.65
CA ASP A 457 6.95 -37.11 8.57
C ASP A 457 6.29 -36.75 7.26
N ASN A 458 6.05 -35.46 7.07
CA ASN A 458 5.34 -34.95 5.89
C ASN A 458 4.03 -35.72 5.57
N THR A 459 3.32 -36.07 6.63
CA THR A 459 2.03 -36.76 6.54
C THR A 459 0.94 -35.89 7.16
N LEU A 460 -0.18 -35.73 6.47
CA LEU A 460 -1.25 -34.85 6.96
C LEU A 460 -2.07 -35.48 8.07
N SER A 461 -1.81 -35.07 9.32
CA SER A 461 -2.48 -35.65 10.49
C SER A 461 -3.98 -35.30 10.61
N ASN A 462 -4.52 -35.47 11.82
CA ASN A 462 -5.94 -35.31 12.05
C ASN A 462 -6.18 -34.13 12.96
N VAL A 463 -5.68 -32.97 12.54
CA VAL A 463 -5.83 -31.75 13.32
C VAL A 463 -7.16 -31.04 13.05
N PHE A 464 -7.93 -31.55 12.08
CA PHE A 464 -9.15 -30.90 11.59
C PHE A 464 -10.46 -31.53 12.05
N ALA A 465 -10.36 -32.56 12.87
CA ALA A 465 -11.54 -33.29 13.37
C ALA A 465 -12.68 -32.44 13.98
N ASN A 466 -12.35 -31.38 14.73
CA ASN A 466 -13.38 -30.57 15.38
C ASN A 466 -13.70 -29.26 14.68
N THR A 467 -12.87 -28.90 13.70
CA THR A 467 -13.00 -27.67 12.91
C THR A 467 -14.15 -27.77 11.89
N THR A 468 -15.29 -28.24 12.38
CA THR A 468 -16.50 -28.51 11.60
C THR A 468 -16.93 -27.43 10.61
N ASN A 469 -16.91 -26.17 11.04
CA ASN A 469 -17.50 -25.05 10.31
C ASN A 469 -16.62 -24.39 9.27
N LEU A 470 -15.54 -25.09 8.88
CA LEU A 470 -14.59 -24.65 7.90
C LEU A 470 -15.14 -24.52 6.50
N THR A 471 -14.80 -23.42 5.82
CA THR A 471 -15.21 -23.12 4.43
C THR A 471 -14.02 -22.79 3.50
N PHE A 472 -12.97 -22.21 4.07
CA PHE A 472 -11.74 -21.92 3.38
C PHE A 472 -10.62 -22.57 4.17
N LEU A 473 -9.84 -23.44 3.53
CA LEU A 473 -8.71 -24.10 4.19
C LEU A 473 -7.47 -24.20 3.29
N ASP A 474 -6.35 -23.65 3.76
CA ASP A 474 -5.17 -23.49 2.88
C ASP A 474 -3.89 -24.19 3.37
N LEU A 475 -3.63 -25.37 2.81
CA LEU A 475 -2.42 -26.12 3.12
C LEU A 475 -1.39 -26.06 1.99
N SER A 476 -1.34 -24.93 1.30
CA SER A 476 -0.43 -24.78 0.19
C SER A 476 1.01 -24.69 0.68
N LYS A 477 1.94 -25.27 -0.08
CA LYS A 477 3.38 -25.15 0.17
C LYS A 477 3.88 -25.86 1.43
N CYS A 478 3.15 -26.90 1.86
CA CYS A 478 3.38 -27.54 3.17
C CYS A 478 4.18 -28.83 3.13
N GLN A 479 5.12 -28.91 2.18
CA GLN A 479 6.02 -30.06 2.01
C GLN A 479 5.36 -31.43 2.24
N LEU A 480 4.04 -31.53 1.99
CA LEU A 480 3.27 -32.75 2.23
C LEU A 480 3.64 -33.87 1.27
N GLU A 481 3.44 -35.10 1.72
CA GLU A 481 3.82 -36.26 0.93
C GLU A 481 2.69 -37.26 0.94
N GLN A 482 1.96 -37.32 2.05
CA GLN A 482 0.84 -38.25 2.22
C GLN A 482 -0.29 -37.64 3.06
N ILE A 483 -1.52 -38.10 2.81
CA ILE A 483 -2.65 -37.68 3.65
C ILE A 483 -3.20 -38.89 4.37
N SER A 484 -3.41 -38.73 5.68
CA SER A 484 -3.96 -39.79 6.52
C SER A 484 -5.47 -39.92 6.34
N TRP A 485 -6.03 -41.03 6.84
CA TRP A 485 -7.34 -41.45 6.38
C TRP A 485 -8.53 -40.49 6.61
N GLY A 486 -9.05 -40.43 7.84
CA GLY A 486 -10.27 -39.64 8.07
C GLY A 486 -10.06 -38.15 8.25
N VAL A 487 -9.07 -37.61 7.55
CA VAL A 487 -8.59 -36.24 7.77
C VAL A 487 -9.65 -35.15 7.49
N PHE A 488 -10.30 -35.25 6.33
CA PHE A 488 -11.20 -34.21 5.84
C PHE A 488 -12.68 -34.58 6.05
N ASP A 489 -12.91 -35.47 7.01
CA ASP A 489 -14.16 -36.23 7.09
C ASP A 489 -15.34 -35.56 7.83
N THR A 490 -15.10 -34.38 8.40
CA THR A 490 -16.09 -33.67 9.21
C THR A 490 -16.45 -32.39 8.52
N LEU A 491 -15.66 -32.05 7.52
CA LEU A 491 -15.80 -30.79 6.83
C LEU A 491 -16.96 -30.84 5.81
N HIS A 492 -18.15 -31.08 6.34
CA HIS A 492 -19.36 -31.18 5.56
C HIS A 492 -19.81 -29.78 5.15
N ARG A 493 -18.90 -28.82 5.21
CA ARG A 493 -19.26 -27.43 4.90
C ARG A 493 -18.15 -26.65 4.13
N LEU A 494 -16.97 -27.27 3.99
CA LEU A 494 -15.84 -26.67 3.27
C LEU A 494 -16.15 -26.38 1.80
N GLN A 495 -15.69 -25.21 1.35
CA GLN A 495 -15.96 -24.73 -0.01
C GLN A 495 -14.69 -24.70 -0.84
N LEU A 496 -13.59 -24.38 -0.16
CA LEU A 496 -12.32 -24.19 -0.82
C LEU A 496 -11.21 -24.87 -0.04
N LEU A 497 -10.42 -25.64 -0.76
CA LEU A 497 -9.29 -26.35 -0.20
C LEU A 497 -8.06 -26.21 -1.11
N ASN A 498 -6.98 -25.64 -0.58
CA ASN A 498 -5.72 -25.48 -1.31
C ASN A 498 -4.60 -26.39 -0.80
N MET A 499 -4.26 -27.40 -1.59
CA MET A 499 -3.10 -28.22 -1.31
C MET A 499 -2.02 -28.07 -2.39
N SER A 500 -1.89 -26.86 -2.94
CA SER A 500 -0.94 -26.63 -4.01
C SER A 500 0.48 -26.62 -3.47
N HIS A 501 1.44 -26.86 -4.38
CA HIS A 501 2.90 -26.85 -4.11
C HIS A 501 3.30 -27.78 -3.00
N ASN A 502 2.93 -29.06 -3.12
CA ASN A 502 3.37 -30.04 -2.17
C ASN A 502 4.19 -31.12 -2.88
N ASN A 503 4.05 -32.36 -2.41
CA ASN A 503 4.74 -33.48 -3.02
C ASN A 503 3.84 -34.70 -3.09
N LEU A 504 2.54 -34.48 -3.21
CA LEU A 504 1.60 -35.59 -3.33
C LEU A 504 1.88 -36.27 -4.65
N LEU A 505 1.91 -37.61 -4.64
CA LEU A 505 2.18 -38.43 -5.83
C LEU A 505 0.93 -39.00 -6.49
N PHE A 506 -0.18 -38.92 -5.78
CA PHE A 506 -1.46 -39.45 -6.25
C PHE A 506 -2.53 -38.86 -5.37
N LEU A 507 -3.79 -39.15 -5.66
CA LEU A 507 -4.90 -38.72 -4.81
C LEU A 507 -5.94 -39.82 -4.62
N ASP A 508 -6.24 -40.11 -3.36
CA ASP A 508 -7.27 -41.08 -3.06
C ASP A 508 -8.65 -40.44 -2.99
N SER A 509 -9.41 -40.58 -4.07
CA SER A 509 -10.76 -40.06 -4.19
C SER A 509 -11.60 -40.20 -2.92
N SER A 510 -11.33 -41.24 -2.17
CA SER A 510 -12.06 -41.51 -0.96
C SER A 510 -11.90 -40.40 0.08
N HIS A 511 -10.75 -39.71 0.04
CA HIS A 511 -10.44 -38.63 0.99
C HIS A 511 -11.46 -37.51 0.91
N TYR A 512 -11.85 -37.17 -0.30
CA TYR A 512 -12.67 -36.00 -0.58
C TYR A 512 -14.15 -36.31 -0.55
N ASN A 513 -14.52 -37.58 -0.53
CA ASN A 513 -15.89 -37.93 -0.17
C ASN A 513 -16.16 -37.34 1.22
N GLN A 514 -17.42 -37.10 1.55
CA GLN A 514 -17.84 -36.43 2.80
C GLN A 514 -17.61 -34.91 2.74
N LEU A 515 -17.08 -34.43 1.63
CA LEU A 515 -16.90 -33.01 1.44
C LEU A 515 -18.04 -32.55 0.54
N TYR A 516 -19.26 -32.65 1.10
CA TYR A 516 -20.49 -32.48 0.32
C TYR A 516 -20.66 -31.06 -0.18
N SER A 517 -19.74 -30.19 0.23
CA SER A 517 -19.91 -28.78 -0.02
C SER A 517 -18.80 -28.18 -0.87
N LEU A 518 -17.78 -28.98 -1.19
CA LEU A 518 -16.55 -28.51 -1.87
C LEU A 518 -16.75 -27.99 -3.31
N SER A 519 -16.19 -26.80 -3.61
CA SER A 519 -16.20 -26.26 -4.98
C SER A 519 -14.81 -26.21 -5.67
N THR A 520 -13.80 -25.72 -4.96
CA THR A 520 -12.47 -25.64 -5.51
C THR A 520 -11.51 -26.52 -4.74
N LEU A 521 -10.80 -27.37 -5.47
CA LEU A 521 -9.79 -28.24 -4.95
C LEU A 521 -8.58 -27.94 -5.82
N ASP A 522 -7.61 -27.23 -5.26
CA ASP A 522 -6.40 -26.92 -6.00
C ASP A 522 -5.31 -27.91 -5.63
N CYS A 523 -4.90 -28.70 -6.61
CA CYS A 523 -3.77 -29.62 -6.40
C CYS A 523 -2.67 -29.39 -7.41
N SER A 524 -2.49 -28.13 -7.80
CA SER A 524 -1.53 -27.77 -8.82
C SER A 524 -0.10 -27.92 -8.29
N PHE A 525 0.84 -28.15 -9.21
CA PHE A 525 2.26 -28.28 -8.90
C PHE A 525 2.45 -29.28 -7.77
N ASN A 526 2.53 -30.56 -8.12
CA ASN A 526 2.71 -31.65 -7.20
C ASN A 526 3.35 -32.76 -8.00
N ARG A 527 3.62 -33.89 -7.37
CA ARG A 527 4.23 -34.99 -8.08
C ARG A 527 3.16 -36.04 -8.36
N ILE A 528 1.99 -35.57 -8.81
CA ILE A 528 0.81 -36.43 -8.90
C ILE A 528 0.76 -37.23 -10.18
N GLU A 529 1.06 -38.51 -10.02
CA GLU A 529 0.94 -39.52 -11.08
C GLU A 529 -0.51 -39.67 -11.53
N THR A 530 -1.43 -39.93 -10.59
CA THR A 530 -2.85 -40.09 -10.93
C THR A 530 -3.73 -40.00 -9.69
N SER A 531 -5.01 -40.30 -9.89
CA SER A 531 -5.89 -40.58 -8.77
C SER A 531 -6.25 -42.04 -8.81
N LYS A 532 -6.75 -42.54 -7.68
CA LYS A 532 -7.30 -43.88 -7.57
C LYS A 532 -8.38 -43.91 -6.49
N GLY A 533 -9.42 -44.72 -6.70
CA GLY A 533 -10.35 -45.05 -5.63
C GLY A 533 -11.77 -44.58 -5.87
N ILE A 534 -12.41 -45.20 -6.86
CA ILE A 534 -13.79 -44.89 -7.26
C ILE A 534 -13.82 -43.42 -7.65
N LEU A 535 -13.73 -43.14 -8.94
CA LEU A 535 -13.67 -41.75 -9.36
C LEU A 535 -15.03 -41.05 -9.21
N GLN A 536 -16.09 -41.85 -9.22
CA GLN A 536 -17.43 -41.34 -8.96
C GLN A 536 -17.58 -40.81 -7.54
N HIS A 537 -16.61 -41.07 -6.67
CA HIS A 537 -16.74 -40.63 -5.29
C HIS A 537 -16.42 -39.19 -5.00
N PHE A 538 -15.77 -38.49 -5.94
CA PHE A 538 -15.49 -37.07 -5.76
C PHE A 538 -16.81 -36.34 -5.61
N PRO A 539 -16.85 -35.30 -4.76
CA PRO A 539 -18.10 -34.60 -4.50
C PRO A 539 -18.67 -34.01 -5.76
N LYS A 540 -19.99 -34.12 -5.93
CA LYS A 540 -20.61 -33.61 -7.14
C LYS A 540 -20.90 -32.12 -7.03
N SER A 541 -20.36 -31.52 -5.97
CA SER A 541 -20.35 -30.06 -5.80
C SER A 541 -19.05 -29.43 -6.29
N LEU A 542 -18.02 -30.24 -6.50
CA LEU A 542 -16.74 -29.74 -6.98
C LEU A 542 -16.78 -29.33 -8.44
N ALA A 543 -16.41 -28.09 -8.73
CA ALA A 543 -16.54 -27.56 -10.08
C ALA A 543 -15.20 -27.16 -10.66
N PHE A 544 -14.29 -26.73 -9.80
CA PHE A 544 -12.98 -26.33 -10.25
C PHE A 544 -11.99 -27.29 -9.60
N PHE A 545 -11.39 -28.12 -10.44
CA PHE A 545 -10.34 -29.02 -10.01
C PHE A 545 -9.08 -28.55 -10.71
N ASN A 546 -7.99 -28.42 -9.97
CA ASN A 546 -6.77 -27.92 -10.55
C ASN A 546 -5.67 -28.95 -10.40
N LEU A 547 -5.29 -29.56 -11.50
CA LEU A 547 -4.15 -30.48 -11.51
C LEU A 547 -3.00 -30.02 -12.42
N THR A 548 -2.92 -28.71 -12.67
CA THR A 548 -1.92 -28.19 -13.60
C THR A 548 -0.50 -28.43 -13.11
N ASN A 549 0.44 -28.40 -14.05
CA ASN A 549 1.87 -28.61 -13.81
C ASN A 549 2.10 -29.76 -12.85
N ASN A 550 1.75 -30.97 -13.30
CA ASN A 550 1.98 -32.16 -12.50
C ASN A 550 2.93 -33.17 -13.16
N SER A 551 2.49 -34.42 -13.26
CA SER A 551 3.35 -35.48 -13.75
C SER A 551 2.49 -36.72 -13.86
N VAL A 552 1.53 -36.68 -14.80
CA VAL A 552 0.53 -37.73 -14.95
C VAL A 552 1.00 -38.94 -15.74
N ALA A 553 1.18 -40.07 -15.05
CA ALA A 553 1.53 -41.35 -15.68
C ALA A 553 0.50 -41.93 -16.66
N CYS A 554 0.73 -41.68 -17.96
CA CYS A 554 -0.16 -42.17 -19.04
C CYS A 554 -0.02 -43.68 -19.35
N ILE A 555 0.31 -44.46 -18.31
CA ILE A 555 0.41 -45.93 -18.32
C ILE A 555 -0.96 -46.59 -18.38
N CYS A 556 -0.99 -47.83 -18.85
CA CYS A 556 -2.23 -48.61 -18.92
C CYS A 556 -2.82 -48.91 -17.55
N GLU A 557 -1.96 -48.99 -16.55
CA GLU A 557 -2.39 -49.20 -15.17
C GLU A 557 -3.43 -48.16 -14.69
N HIS A 558 -3.42 -46.99 -15.33
CA HIS A 558 -4.34 -45.90 -14.98
C HIS A 558 -5.39 -45.63 -16.07
N GLN A 559 -5.80 -46.68 -16.79
CA GLN A 559 -6.81 -46.58 -17.84
C GLN A 559 -8.08 -45.89 -17.37
N LYS A 560 -8.59 -46.35 -16.22
CA LYS A 560 -9.80 -45.80 -15.60
C LYS A 560 -9.65 -44.29 -15.34
N PHE A 561 -8.60 -43.89 -14.64
CA PHE A 561 -8.41 -42.49 -14.32
C PHE A 561 -8.27 -41.64 -15.58
N LEU A 562 -7.56 -42.15 -16.57
CA LEU A 562 -7.38 -41.40 -17.79
C LEU A 562 -8.70 -41.16 -18.52
N GLN A 563 -9.64 -42.08 -18.36
CA GLN A 563 -11.00 -41.88 -18.86
C GLN A 563 -11.77 -40.84 -18.07
N TRP A 564 -11.60 -40.88 -16.75
CA TRP A 564 -12.23 -39.91 -15.89
C TRP A 564 -11.92 -38.48 -16.37
N VAL A 565 -10.69 -38.27 -16.82
CA VAL A 565 -10.25 -36.97 -17.34
C VAL A 565 -11.18 -36.47 -18.44
N LYS A 566 -11.78 -37.42 -19.17
CA LYS A 566 -12.67 -37.10 -20.28
C LYS A 566 -14.10 -36.85 -19.79
N GLU A 567 -14.71 -37.85 -19.16
CA GLU A 567 -16.00 -37.71 -18.48
C GLU A 567 -16.11 -36.36 -17.75
N GLN A 568 -15.05 -35.95 -17.06
CA GLN A 568 -15.06 -34.70 -16.29
C GLN A 568 -14.13 -33.63 -16.87
N LYS A 569 -14.12 -33.53 -18.20
CA LYS A 569 -13.29 -32.57 -18.93
C LYS A 569 -13.42 -31.12 -18.40
N GLN A 570 -14.61 -30.55 -18.57
CA GLN A 570 -14.85 -29.12 -18.33
C GLN A 570 -14.55 -28.66 -16.90
N PHE A 571 -14.43 -29.61 -15.98
CA PHE A 571 -14.24 -29.31 -14.57
C PHE A 571 -12.77 -29.19 -14.17
N LEU A 572 -11.87 -29.73 -14.99
CA LEU A 572 -10.46 -29.57 -14.71
C LEU A 572 -9.95 -28.29 -15.39
N VAL A 573 -9.04 -27.59 -14.72
CA VAL A 573 -8.60 -26.31 -15.25
C VAL A 573 -7.41 -26.48 -16.19
N ASN A 574 -7.54 -25.94 -17.40
CA ASN A 574 -6.54 -26.09 -18.46
C ASN A 574 -6.22 -27.53 -18.82
N VAL A 575 -7.25 -28.39 -18.81
CA VAL A 575 -7.11 -29.78 -19.24
C VAL A 575 -6.40 -29.90 -20.59
N GLU A 576 -6.70 -28.94 -21.47
CA GLU A 576 -6.25 -28.95 -22.85
C GLU A 576 -4.76 -28.67 -23.00
N GLN A 577 -4.13 -28.19 -21.94
CA GLN A 577 -2.69 -27.92 -21.93
C GLN A 577 -1.92 -28.96 -21.11
N MET A 578 -2.66 -29.83 -20.42
CA MET A 578 -2.04 -30.87 -19.62
C MET A 578 -1.29 -31.81 -20.51
N THR A 579 -0.06 -32.13 -20.10
CA THR A 579 0.79 -33.06 -20.84
C THR A 579 1.15 -34.23 -19.94
N CYS A 580 1.33 -35.42 -20.53
CA CYS A 580 1.76 -36.63 -19.79
C CYS A 580 3.11 -36.44 -19.11
N ALA A 581 3.43 -37.36 -18.19
CA ALA A 581 4.72 -37.32 -17.52
C ALA A 581 5.67 -38.40 -18.03
N THR A 582 5.14 -39.58 -18.34
CA THR A 582 5.96 -40.78 -18.44
C THR A 582 6.72 -40.99 -19.78
N PRO A 583 6.62 -42.18 -20.41
CA PRO A 583 7.78 -42.65 -21.20
C PRO A 583 8.40 -41.65 -22.21
N VAL A 584 7.86 -41.59 -23.42
CA VAL A 584 8.44 -40.75 -24.48
C VAL A 584 7.75 -39.39 -24.59
N GLU A 585 6.84 -39.12 -23.65
CA GLU A 585 5.88 -38.02 -23.75
C GLU A 585 6.43 -36.62 -23.50
N MET A 586 5.96 -35.69 -24.34
CA MET A 586 6.22 -34.26 -24.23
C MET A 586 5.15 -33.62 -25.10
N ASN A 587 5.36 -33.72 -26.41
CA ASN A 587 4.37 -33.32 -27.40
C ASN A 587 3.06 -34.08 -27.18
N THR A 588 3.04 -34.92 -26.13
CA THR A 588 1.94 -35.86 -25.88
C THR A 588 0.91 -35.32 -24.89
N SER A 589 -0.12 -34.68 -25.45
CA SER A 589 -1.16 -34.02 -24.68
C SER A 589 -2.01 -35.06 -23.98
N LEU A 590 -2.10 -34.90 -22.66
CA LEU A 590 -2.79 -35.83 -21.78
C LEU A 590 -4.15 -36.28 -22.31
N VAL A 591 -4.97 -35.33 -22.76
CA VAL A 591 -6.35 -35.65 -23.14
C VAL A 591 -6.38 -36.50 -24.42
N LEU A 592 -5.24 -37.06 -24.81
CA LEU A 592 -5.15 -37.86 -26.05
C LEU A 592 -4.90 -39.36 -25.86
N ASP A 593 -4.71 -39.79 -24.61
CA ASP A 593 -4.49 -41.21 -24.30
C ASP A 593 -5.54 -42.05 -25.03
N PHE A 594 -5.11 -43.18 -25.56
CA PHE A 594 -5.99 -44.11 -26.25
C PHE A 594 -6.23 -45.27 -25.31
N ASN A 595 -6.33 -46.49 -25.84
CA ASN A 595 -6.66 -47.63 -25.02
C ASN A 595 -6.25 -48.94 -25.65
N ASN A 596 -4.95 -49.18 -25.75
CA ASN A 596 -4.45 -50.35 -26.48
C ASN A 596 -3.16 -51.00 -25.99
N SER A 597 -2.04 -50.29 -26.06
CA SER A 597 -0.72 -50.88 -25.81
C SER A 597 -0.60 -51.65 -24.48
N THR A 598 -0.70 -52.99 -24.55
CA THR A 598 -0.80 -53.89 -23.38
C THR A 598 -2.22 -53.94 -22.77
N CYS A 599 -3.01 -52.88 -22.99
CA CYS A 599 -4.43 -52.83 -22.58
C CYS A 599 -5.38 -52.54 -23.74
N GLN B 1 30.08 8.12 -20.16
CA GLN B 1 30.10 9.28 -19.21
C GLN B 1 29.94 8.82 -17.76
N GLN B 2 30.34 9.68 -16.82
CA GLN B 2 30.21 9.42 -15.39
C GLN B 2 30.19 10.72 -14.58
N TRP B 3 29.89 10.60 -13.28
CA TRP B 3 29.89 11.73 -12.33
C TRP B 3 30.45 11.29 -10.96
N PHE B 4 31.43 12.03 -10.42
CA PHE B 4 32.07 11.65 -9.15
C PHE B 4 32.48 12.76 -8.15
N CYS B 5 32.86 12.35 -6.93
CA CYS B 5 33.49 13.22 -5.93
C CYS B 5 34.50 12.46 -5.08
N ASN B 6 35.50 13.19 -4.60
CA ASN B 6 36.54 12.63 -3.73
C ASN B 6 36.42 13.08 -2.27
N SER B 7 36.20 12.11 -1.39
CA SER B 7 36.22 12.31 0.06
C SER B 7 37.67 12.28 0.55
N SER B 8 37.88 12.53 1.84
CA SER B 8 39.20 12.35 2.44
C SER B 8 39.49 10.86 2.70
N ASP B 9 38.56 9.98 2.32
CA ASP B 9 38.75 8.55 2.54
C ASP B 9 38.04 7.67 1.51
N ALA B 10 37.30 8.28 0.58
CA ALA B 10 36.64 7.51 -0.49
C ALA B 10 36.36 8.32 -1.77
N ILE B 11 36.33 7.64 -2.92
CA ILE B 11 35.91 8.27 -4.19
C ILE B 11 34.70 7.59 -4.78
N ILE B 12 33.63 8.36 -4.94
CA ILE B 12 32.35 7.83 -5.36
C ILE B 12 32.04 8.31 -6.76
N SER B 13 31.94 7.39 -7.71
CA SER B 13 31.46 7.75 -9.02
C SER B 13 30.15 7.03 -9.29
N TYR B 14 29.42 7.52 -10.30
CA TYR B 14 28.17 6.89 -10.71
C TYR B 14 27.87 7.30 -12.12
N SER B 15 27.29 6.36 -12.88
CA SER B 15 26.72 6.67 -14.17
C SER B 15 25.48 5.81 -14.36
N TYR B 16 24.57 6.29 -15.22
CA TYR B 16 23.38 5.53 -15.59
C TYR B 16 23.77 4.11 -15.94
N CYS B 17 22.84 3.17 -15.75
CA CYS B 17 23.09 1.76 -16.01
C CYS B 17 23.44 1.46 -17.47
N ASP B 18 23.21 0.22 -17.91
CA ASP B 18 23.56 -0.16 -19.29
C ASP B 18 22.35 -0.25 -20.18
N HIS B 19 21.17 0.01 -19.61
CA HIS B 19 19.95 -0.02 -20.40
C HIS B 19 18.95 1.11 -20.08
N LEU B 20 18.77 1.43 -18.80
CA LEU B 20 17.87 2.50 -18.42
C LEU B 20 18.63 3.82 -18.27
N LYS B 21 18.68 4.60 -19.34
CA LYS B 21 19.43 5.86 -19.30
C LYS B 21 18.55 7.11 -19.12
N PHE B 22 17.53 7.00 -18.25
CA PHE B 22 16.66 8.12 -17.88
C PHE B 22 17.38 9.05 -16.89
N PRO B 23 17.31 10.37 -17.14
CA PRO B 23 18.00 11.48 -16.41
C PRO B 23 17.83 11.58 -14.89
N ILE B 24 18.87 12.11 -14.24
CA ILE B 24 18.90 12.51 -12.83
C ILE B 24 20.26 13.09 -12.52
N SER B 25 20.30 14.34 -12.04
CA SER B 25 21.56 14.91 -11.59
C SER B 25 21.63 14.78 -10.09
N ILE B 26 21.95 13.57 -9.63
CA ILE B 26 22.09 13.32 -8.20
C ILE B 26 23.49 13.73 -7.76
N SER B 27 23.62 14.12 -6.50
CA SER B 27 24.87 14.67 -5.93
C SER B 27 24.91 14.47 -4.41
N SER B 28 25.93 15.00 -3.74
CA SER B 28 25.98 15.04 -2.28
C SER B 28 26.80 16.23 -1.79
N GLU B 29 26.52 16.70 -0.58
CA GLU B 29 27.32 17.78 0.02
C GLU B 29 27.27 17.71 1.55
N PRO B 30 28.41 17.38 2.21
CA PRO B 30 29.76 17.16 1.67
C PRO B 30 29.89 15.78 1.04
N CYS B 31 30.98 15.54 0.33
CA CYS B 31 31.15 14.24 -0.29
C CYS B 31 31.26 13.18 0.81
N ILE B 32 30.48 12.11 0.67
CA ILE B 32 30.39 11.08 1.70
C ILE B 32 31.75 10.50 2.10
N ARG B 33 31.95 10.31 3.41
CA ARG B 33 33.11 9.59 3.96
C ARG B 33 32.71 8.17 4.41
N LEU B 34 33.46 7.17 3.94
CA LEU B 34 33.17 5.75 4.24
C LEU B 34 32.94 5.50 5.72
N ARG B 35 33.58 6.32 6.54
CA ARG B 35 33.58 6.16 7.98
C ARG B 35 32.95 7.42 8.62
N GLY B 36 31.62 7.48 8.51
CA GLY B 36 30.79 8.55 9.10
C GLY B 36 30.72 9.83 8.27
N THR B 37 29.50 10.16 7.83
CA THR B 37 29.18 11.51 7.28
C THR B 37 27.76 12.01 7.56
N ASN B 38 27.68 13.26 8.00
CA ASN B 38 26.41 13.98 8.05
C ASN B 38 26.30 15.00 6.90
N GLY B 39 25.28 14.80 6.06
CA GLY B 39 25.07 15.69 4.93
C GLY B 39 23.76 15.59 4.18
N PHE B 40 23.83 16.03 2.91
CA PHE B 40 22.67 16.20 2.05
C PHE B 40 22.95 15.68 0.65
N VAL B 41 22.24 14.60 0.27
CA VAL B 41 22.20 14.10 -1.11
C VAL B 41 21.22 14.99 -1.87
N HIS B 42 21.69 15.63 -2.95
CA HIS B 42 20.84 16.55 -3.69
C HIS B 42 20.27 15.95 -4.98
N VAL B 43 18.94 16.03 -5.11
CA VAL B 43 18.21 15.42 -6.25
C VAL B 43 17.59 16.48 -7.17
N GLU B 44 17.54 16.18 -8.47
CA GLU B 44 17.04 17.13 -9.44
C GLU B 44 16.69 16.43 -10.73
N PHE B 45 15.43 16.01 -10.89
CA PHE B 45 15.05 15.33 -12.12
C PHE B 45 13.60 15.56 -12.47
N ILE B 46 13.08 14.66 -13.31
CA ILE B 46 11.71 14.69 -13.80
C ILE B 46 11.26 13.25 -14.01
N PRO B 47 10.47 12.73 -13.06
CA PRO B 47 10.11 11.32 -12.98
C PRO B 47 9.14 10.88 -14.07
N ARG B 48 9.34 9.64 -14.52
CA ARG B 48 8.52 9.04 -15.58
C ARG B 48 7.24 8.48 -15.00
N GLY B 49 7.20 8.35 -13.68
CA GLY B 49 6.01 7.84 -13.02
C GLY B 49 5.76 8.47 -11.68
N ASN B 50 4.54 8.30 -11.17
CA ASN B 50 4.18 8.85 -9.87
C ASN B 50 5.10 8.34 -8.79
N LEU B 51 5.59 9.25 -7.96
CA LEU B 51 6.53 8.92 -6.90
C LEU B 51 5.95 8.32 -5.62
N LYS B 52 4.67 8.56 -5.34
CA LYS B 52 4.02 7.93 -4.17
C LYS B 52 4.17 6.45 -4.37
N TYR B 53 4.67 5.72 -3.39
CA TYR B 53 4.96 4.27 -3.54
C TYR B 53 6.34 3.93 -4.10
N LEU B 54 7.18 4.92 -4.32
CA LEU B 54 8.59 4.71 -4.62
C LEU B 54 9.28 3.73 -3.65
N TYR B 55 10.11 2.84 -4.20
CA TYR B 55 11.08 2.06 -3.42
C TYR B 55 12.29 1.80 -4.28
N PHE B 56 13.34 1.24 -3.66
CA PHE B 56 14.61 0.95 -4.36
C PHE B 56 15.07 -0.50 -4.29
N ASN B 57 15.61 -0.95 -5.41
CA ASN B 57 16.33 -2.22 -5.46
C ASN B 57 17.82 -1.95 -5.35
N LEU B 58 18.41 -2.38 -4.24
CA LEU B 58 19.82 -2.17 -3.98
C LEU B 58 20.56 -3.49 -4.05
N PHE B 59 21.27 -3.66 -5.16
CA PHE B 59 22.15 -4.80 -5.39
C PHE B 59 23.60 -4.37 -5.11
N ILE B 60 24.08 -4.65 -3.90
CA ILE B 60 25.49 -4.31 -3.55
C ILE B 60 26.46 -5.42 -3.99
N SER B 61 27.73 -5.04 -4.24
CA SER B 61 28.80 -6.00 -4.58
C SER B 61 30.16 -5.62 -3.96
N VAL B 62 30.49 -6.18 -2.80
CA VAL B 62 31.79 -5.86 -2.16
C VAL B 62 32.97 -6.73 -2.68
N ASN B 63 34.05 -6.05 -3.05
CA ASN B 63 35.25 -6.70 -3.61
C ASN B 63 34.93 -7.74 -4.69
N SER B 64 34.09 -7.34 -5.65
CA SER B 64 33.63 -8.23 -6.72
C SER B 64 32.92 -9.49 -6.19
N ILE B 65 32.16 -9.33 -5.10
CA ILE B 65 31.35 -10.41 -4.57
C ILE B 65 29.91 -9.91 -4.28
N GLU B 66 28.97 -10.32 -5.13
CA GLU B 66 27.56 -9.91 -5.03
C GLU B 66 26.88 -10.27 -3.68
N LEU B 67 26.22 -9.28 -3.08
CA LEU B 67 25.44 -9.46 -1.86
C LEU B 67 23.98 -9.80 -2.19
N PRO B 68 23.12 -9.98 -1.15
CA PRO B 68 21.73 -10.36 -1.42
C PRO B 68 20.88 -9.15 -1.79
N LYS B 69 19.93 -9.32 -2.71
CA LYS B 69 19.03 -8.21 -3.08
C LYS B 69 18.41 -7.55 -1.83
N ARG B 70 18.58 -6.23 -1.74
CA ARG B 70 18.07 -5.45 -0.61
C ARG B 70 17.08 -4.36 -1.08
N LYS B 71 15.82 -4.52 -0.70
CA LYS B 71 14.74 -3.59 -1.06
C LYS B 71 14.60 -2.43 -0.07
N GLU B 72 14.64 -1.19 -0.56
CA GLU B 72 14.52 -0.01 0.31
C GLU B 72 13.35 0.91 0.01
N VAL B 73 12.38 0.92 0.93
CA VAL B 73 11.14 1.69 0.80
C VAL B 73 11.37 3.18 1.08
N LEU B 74 10.98 4.04 0.13
CA LEU B 74 11.07 5.48 0.34
C LEU B 74 9.72 6.12 0.65
N CYS B 75 8.70 5.75 -0.12
CA CYS B 75 7.35 6.28 0.02
C CYS B 75 6.34 5.15 0.20
N HIS B 76 5.58 5.21 1.29
CA HIS B 76 4.56 4.18 1.56
C HIS B 76 3.17 4.49 0.96
N GLY B 77 2.92 5.77 0.67
CA GLY B 77 1.62 6.21 0.15
C GLY B 77 0.71 6.89 1.18
N HIS B 78 0.98 6.71 2.46
CA HIS B 78 0.20 7.35 3.52
C HIS B 78 1.07 8.20 4.44
N ASP B 79 1.11 9.50 4.14
CA ASP B 79 1.81 10.52 4.93
C ASP B 79 3.30 10.31 4.96
N ASP B 80 3.93 10.39 3.80
CA ASP B 80 5.35 10.12 3.72
C ASP B 80 6.13 11.25 4.37
N ASP B 81 7.37 10.95 4.76
CA ASP B 81 8.20 11.93 5.45
C ASP B 81 8.74 12.96 4.47
N TYR B 82 9.18 12.49 3.30
CA TYR B 82 9.80 13.37 2.32
C TYR B 82 8.73 14.09 1.54
N SER B 83 9.05 15.30 1.13
CA SER B 83 8.13 16.12 0.37
C SER B 83 7.91 15.57 -1.02
N PHE B 84 8.92 14.88 -1.58
CA PHE B 84 8.86 14.49 -2.98
C PHE B 84 7.91 13.36 -3.28
N CYS B 85 7.56 12.55 -2.30
CA CYS B 85 6.69 11.41 -2.58
C CYS B 85 5.42 11.83 -3.31
N ARG B 86 4.88 12.99 -2.94
CA ARG B 86 3.64 13.47 -3.53
C ARG B 86 3.75 13.88 -5.00
N ALA B 87 4.95 13.72 -5.58
CA ALA B 87 5.29 14.17 -6.92
C ALA B 87 4.71 13.28 -8.01
N LEU B 88 4.27 13.91 -9.10
CA LEU B 88 3.57 13.22 -10.19
C LEU B 88 4.42 13.00 -11.45
N LYS B 89 4.06 12.01 -12.25
CA LYS B 89 4.72 11.76 -13.51
C LYS B 89 4.84 13.07 -14.29
N GLY B 90 6.06 13.37 -14.77
CA GLY B 90 6.33 14.61 -15.52
C GLY B 90 6.73 15.83 -14.70
N GLU B 91 6.22 15.94 -13.46
CA GLU B 91 6.61 17.01 -12.52
C GLU B 91 8.12 17.19 -12.37
N THR B 92 8.54 18.44 -12.21
CA THR B 92 9.93 18.76 -11.91
C THR B 92 10.19 18.49 -10.45
N VAL B 93 11.19 17.66 -10.15
CA VAL B 93 11.59 17.49 -8.74
C VAL B 93 12.99 18.07 -8.48
N ASN B 94 13.03 19.07 -7.61
CA ASN B 94 14.28 19.67 -7.19
C ASN B 94 14.29 19.86 -5.68
N THR B 95 14.96 18.95 -4.99
CA THR B 95 14.93 18.94 -3.54
C THR B 95 16.30 18.47 -3.01
N SER B 96 16.57 18.71 -1.73
CA SER B 96 17.76 18.13 -1.11
C SER B 96 17.46 17.49 0.26
N ILE B 97 17.75 16.19 0.35
CA ILE B 97 17.46 15.36 1.52
C ILE B 97 18.66 15.21 2.43
N PRO B 98 18.46 15.33 3.76
CA PRO B 98 19.43 15.05 4.81
C PRO B 98 19.56 13.57 5.17
N PHE B 99 20.79 13.12 5.37
CA PHE B 99 21.04 11.71 5.71
C PHE B 99 22.06 11.62 6.84
N SER B 100 22.28 10.41 7.35
CA SER B 100 23.29 10.21 8.37
C SER B 100 23.97 8.85 8.25
N PHE B 101 24.99 8.77 7.39
CA PHE B 101 25.81 7.57 7.33
C PHE B 101 26.56 7.43 8.65
N GLU B 102 26.48 6.25 9.25
CA GLU B 102 27.15 6.00 10.52
C GLU B 102 28.65 5.77 10.33
N GLY B 103 29.01 4.88 9.40
CA GLY B 103 30.41 4.59 9.10
C GLY B 103 30.87 3.14 9.26
N ILE B 104 31.53 2.63 8.22
CA ILE B 104 32.17 1.32 8.27
C ILE B 104 33.54 1.43 8.95
N LEU B 105 33.69 0.70 10.07
CA LEU B 105 35.00 0.44 10.64
C LEU B 105 35.66 -0.58 9.74
N PHE B 106 36.79 -0.20 9.14
CA PHE B 106 37.52 -1.05 8.21
C PHE B 106 36.69 -1.28 6.93
N PRO B 107 36.57 -0.25 6.08
CA PRO B 107 35.92 -0.48 4.80
C PRO B 107 36.93 -0.87 3.69
N LYS B 108 36.58 -1.89 2.90
CA LYS B 108 37.51 -2.44 1.90
C LYS B 108 37.52 -1.69 0.56
N GLY B 109 38.64 -1.82 -0.16
CA GLY B 109 38.91 -1.13 -1.42
C GLY B 109 37.77 -0.93 -2.41
N HIS B 110 37.04 -2.01 -2.73
CA HIS B 110 36.08 -1.95 -3.83
C HIS B 110 34.58 -2.19 -3.50
N TYR B 111 33.76 -1.16 -3.76
CA TYR B 111 32.29 -1.24 -3.57
C TYR B 111 31.48 -0.95 -4.83
N ARG B 112 30.36 -1.65 -4.96
CA ARG B 112 29.42 -1.47 -6.08
C ARG B 112 27.96 -1.53 -5.63
N CYS B 113 27.16 -0.66 -6.22
CA CYS B 113 25.76 -0.57 -5.85
C CYS B 113 24.95 -0.05 -7.02
N VAL B 114 24.04 -0.90 -7.48
CA VAL B 114 23.09 -0.50 -8.51
C VAL B 114 21.69 -0.30 -7.92
N ALA B 115 21.08 0.82 -8.27
CA ALA B 115 19.76 1.15 -7.79
C ALA B 115 18.74 1.21 -8.93
N GLU B 116 17.55 0.69 -8.64
CA GLU B 116 16.41 0.85 -9.51
C GLU B 116 15.35 1.47 -8.63
N ALA B 117 14.92 2.67 -8.99
CA ALA B 117 13.72 3.22 -8.43
C ALA B 117 12.57 2.46 -9.07
N ILE B 118 11.66 1.96 -8.25
CA ILE B 118 10.47 1.33 -8.77
C ILE B 118 9.24 2.10 -8.28
N ALA B 119 8.32 2.34 -9.19
CA ALA B 119 6.98 2.75 -8.85
C ALA B 119 6.32 1.53 -8.23
N GLY B 120 6.05 1.61 -6.93
CA GLY B 120 5.37 0.52 -6.23
C GLY B 120 4.02 0.17 -6.84
N ASP B 121 3.25 1.18 -7.22
CA ASP B 121 1.94 0.97 -7.83
C ASP B 121 2.04 0.08 -9.07
N THR B 122 2.73 0.56 -10.11
CA THR B 122 2.77 -0.12 -11.40
C THR B 122 4.07 -0.85 -11.69
N GLU B 123 4.79 -1.30 -10.66
CA GLU B 123 5.99 -2.11 -10.82
C GLU B 123 7.01 -1.71 -11.93
N GLU B 124 6.86 -0.50 -12.49
CA GLU B 124 7.67 -0.05 -13.63
C GLU B 124 8.96 0.65 -13.26
N LYS B 125 10.03 0.34 -13.98
CA LYS B 125 11.32 0.97 -13.78
C LYS B 125 11.14 2.46 -13.91
N LEU B 126 11.89 3.21 -13.12
CA LEU B 126 11.72 4.66 -13.05
C LEU B 126 13.04 5.35 -13.37
N PHE B 127 14.12 4.85 -12.77
CA PHE B 127 15.47 5.08 -13.26
C PHE B 127 16.42 4.05 -12.68
N CYS B 128 17.57 3.91 -13.31
CA CYS B 128 18.60 2.99 -12.82
C CYS B 128 19.91 3.74 -12.60
N LEU B 129 20.55 3.50 -11.45
CA LEU B 129 21.83 4.14 -11.12
C LEU B 129 22.90 3.16 -10.65
N ASN B 130 24.09 3.31 -11.24
CA ASN B 130 25.23 2.43 -11.01
C ASN B 130 26.38 3.17 -10.30
N PHE B 131 26.64 2.79 -9.05
CA PHE B 131 27.59 3.49 -8.17
C PHE B 131 28.81 2.67 -7.88
N THR B 132 29.90 3.39 -7.59
CA THR B 132 31.17 2.77 -7.27
C THR B 132 31.83 3.50 -6.12
N ILE B 133 32.09 2.77 -5.03
CA ILE B 133 32.69 3.38 -3.85
C ILE B 133 34.08 2.78 -3.55
N ILE B 134 35.11 3.59 -3.78
CA ILE B 134 36.48 3.13 -3.63
C ILE B 134 37.14 3.81 -2.44
N HIS B 135 37.94 3.04 -1.71
CA HIS B 135 38.44 3.48 -0.39
C HIS B 135 39.54 4.59 -0.34
C1 NAG C . -6.08 -23.63 -10.03
C2 NAG C . -5.12 -22.44 -9.87
C3 NAG C . -5.71 -21.31 -9.02
C4 NAG C . -7.11 -20.88 -9.42
C5 NAG C . -7.98 -22.13 -9.69
C6 NAG C . -9.32 -21.78 -10.35
C7 NAG C . -2.75 -22.18 -9.55
C8 NAG C . -1.79 -21.97 -8.41
N2 NAG C . -3.86 -22.87 -9.29
O3 NAG C . -4.89 -20.17 -9.11
O4 NAG C . -7.59 -20.14 -8.31
O5 NAG C . -7.31 -23.09 -10.50
O6 NAG C . -9.31 -22.00 -11.76
O7 NAG C . -2.52 -21.72 -10.67
C1 NAG C . -8.26 -18.92 -8.71
C2 NAG C . -9.58 -18.83 -7.91
C3 NAG C . -9.86 -17.46 -7.32
C4 NAG C . -8.62 -16.81 -6.76
C5 NAG C . -7.52 -16.69 -7.81
C6 NAG C . -6.14 -16.40 -7.17
C7 NAG C . -11.70 -20.02 -8.34
C8 NAG C . -12.96 -20.01 -9.14
N2 NAG C . -10.73 -19.18 -8.73
O3 NAG C . -10.79 -17.67 -6.27
O4 NAG C . -9.00 -15.52 -6.30
O5 NAG C . -7.37 -17.81 -8.69
O6 NAG C . -5.93 -17.00 -5.89
O7 NAG C . -11.59 -20.80 -7.39
C1 NAG D . -3.48 -22.02 -3.89
C2 NAG D . -4.08 -20.77 -4.49
C3 NAG D . -3.14 -20.15 -5.52
C4 NAG D . -1.74 -19.89 -4.94
C5 NAG D . -1.30 -21.06 -4.03
C6 NAG D . -0.07 -20.76 -3.16
C7 NAG D . -6.49 -20.58 -4.42
C8 NAG D . -6.37 -19.34 -3.57
N2 NAG D . -5.39 -20.99 -5.08
O3 NAG D . -3.74 -18.97 -6.04
O4 NAG D . -0.79 -19.78 -5.98
O5 NAG D . -2.34 -21.56 -3.19
O6 NAG D . -0.30 -19.65 -2.30
O7 NAG D . -7.56 -21.18 -4.50
C1 NAG D . -0.72 -18.43 -6.48
C2 NAG D . 0.65 -17.81 -6.25
C3 NAG D . 0.55 -16.34 -6.65
C4 NAG D . 0.16 -16.26 -8.14
C5 NAG D . -1.18 -17.00 -8.34
C6 NAG D . -1.60 -17.07 -9.80
C7 NAG D . 2.31 -18.08 -4.48
C8 NAG D . 2.76 -17.20 -3.35
N2 NAG D . 1.04 -17.96 -4.86
O3 NAG D . 1.75 -15.65 -6.41
O4 NAG D . 0.11 -14.92 -8.59
O5 NAG D . -1.09 -18.33 -7.84
O6 NAG D . -2.34 -18.25 -10.02
O7 NAG D . 3.09 -18.87 -5.03
C1 BMA D . 1.30 -14.59 -9.36
C2 BMA D . 1.02 -14.59 -10.86
C3 BMA D . 2.33 -14.38 -11.64
C4 BMA D . 3.25 -13.28 -11.07
C5 BMA D . 3.23 -13.19 -9.52
C6 BMA D . 3.77 -11.85 -9.03
O2 BMA D . 0.06 -13.60 -11.20
O3 BMA D . 2.05 -14.07 -12.98
O4 BMA D . 4.57 -13.53 -11.50
O5 BMA D . 1.92 -13.36 -9.00
O6 BMA D . 4.99 -11.50 -9.66
C1 NAG E . -16.90 13.99 2.25
C2 NAG E . -17.51 12.84 3.05
C3 NAG E . -16.59 11.66 3.30
C4 NAG E . -15.50 11.40 2.26
C5 NAG E . -14.97 12.72 1.68
C6 NAG E . -14.03 12.53 0.49
C7 NAG E . -18.84 12.97 5.12
C8 NAG E . -18.84 13.43 6.55
N2 NAG E . -17.83 13.38 4.35
O3 NAG E . -17.37 10.51 3.37
O4 NAG E . -14.48 10.72 2.96
O5 NAG E . -16.04 13.53 1.23
O6 NAG E . -14.66 11.76 -0.52
O7 NAG E . -19.74 12.25 4.70
C1 NAG E . -14.05 9.49 2.35
C2 NAG E . -12.51 9.41 2.36
C3 NAG E . -12.13 8.24 1.48
C4 NAG E . -12.63 6.97 2.18
C5 NAG E . -14.15 7.07 2.40
C6 NAG E . -14.63 5.93 3.31
C7 NAG E . -11.02 11.35 2.69
C8 NAG E . -10.07 12.25 1.94
N2 NAG E . -11.88 10.65 1.94
O3 NAG E . -10.74 8.21 1.26
O4 NAG E . -12.31 5.81 1.43
O5 NAG E . -14.55 8.31 2.97
O6 NAG E . -16.04 5.95 3.38
O7 NAG E . -10.97 11.30 3.92
C1 BMA E . -10.99 5.30 1.71
C2 BMA E . -10.82 4.80 3.16
C3 BMA E . -9.39 4.32 3.39
C4 BMA E . -8.99 3.33 2.29
C5 BMA E . -9.21 3.97 0.92
C6 BMA E . -8.80 3.07 -0.24
O2 BMA E . -11.72 3.74 3.40
O3 BMA E . -9.29 3.71 4.66
O4 BMA E . -7.65 2.94 2.45
O5 BMA E . -10.59 4.29 0.79
O6 BMA E . -7.65 3.60 -0.87
C1 NAG F . -11.16 -46.42 -23.12
C2 NAG F . -11.93 -45.94 -24.35
C3 NAG F . -13.15 -45.15 -23.88
C4 NAG F . -13.99 -45.88 -22.83
C5 NAG F . -13.13 -46.67 -21.83
C6 NAG F . -13.93 -47.76 -21.11
C7 NAG F . -11.32 -44.96 -26.51
C8 NAG F . -11.48 -43.54 -26.95
N2 NAG F . -11.07 -45.13 -25.20
O3 NAG F . -13.97 -44.77 -24.95
O4 NAG F . -14.70 -44.88 -22.12
O5 NAG F . -12.00 -47.30 -22.41
O6 NAG F . -14.98 -47.21 -20.36
O7 NAG F . -11.42 -45.89 -27.32
C1 NAG F . -16.11 -44.73 -22.46
C2 NAG F . -16.76 -43.62 -21.60
C3 NAG F . -18.26 -43.64 -21.82
C4 NAG F . -18.52 -43.31 -23.30
C5 NAG F . -17.78 -44.37 -24.13
C6 NAG F . -17.91 -44.14 -25.62
C7 NAG F . -15.95 -42.65 -19.49
C8 NAG F . -16.18 -41.23 -20.00
N2 NAG F . -16.46 -43.69 -20.18
O3 NAG F . -18.86 -42.70 -20.96
O4 NAG F . -19.90 -43.30 -23.62
O5 NAG F . -16.38 -44.42 -23.82
O6 NAG F . -17.26 -45.21 -26.27
O7 NAG F . -15.28 -42.81 -18.44
C1 BMA F . -20.64 -42.24 -22.98
C2 BMA F . -21.55 -41.51 -23.98
C3 BMA F . -22.40 -40.43 -23.29
C4 BMA F . -23.00 -40.89 -21.96
C5 BMA F . -22.01 -41.69 -21.10
C6 BMA F . -22.71 -42.31 -19.90
O2 BMA F . -22.41 -42.44 -24.59
O3 BMA F . -23.43 -40.05 -24.16
O4 BMA F . -23.41 -39.76 -21.21
O5 BMA F . -21.42 -42.72 -21.88
O6 BMA F . -22.72 -41.36 -18.86
C1 FUL F . -16.26 -47.81 -20.69
C2 FUL F . -16.47 -49.08 -19.85
O2 FUL F . -16.78 -48.67 -18.54
C3 FUL F . -17.57 -50.02 -20.36
O3 FUL F . -17.27 -51.33 -19.93
C4 FUL F . -17.76 -50.01 -21.89
O4 FUL F . -16.78 -50.83 -22.49
C5 FUL F . -17.70 -48.59 -22.43
C6 FUL F . -17.90 -48.52 -23.95
O5 FUL F . -16.44 -48.04 -22.08
C1 NAG G . -9.95 -4.58 -32.33
C2 NAG G . -10.12 -5.94 -33.03
C3 NAG G . -10.86 -5.81 -34.37
C4 NAG G . -12.14 -4.99 -34.21
C5 NAG G . -11.76 -3.62 -33.61
C6 NAG G . -12.94 -2.65 -33.47
C7 NAG G . -8.54 -7.80 -32.83
C8 NAG G . -8.68 -8.93 -33.82
N2 NAG G . -8.84 -6.59 -33.26
O3 NAG G . -11.17 -7.08 -34.92
O4 NAG G . -12.79 -4.87 -35.45
O5 NAG G . -11.15 -3.81 -32.34
O6 NAG G . -14.14 -3.33 -33.20
O7 NAG G . -8.18 -8.02 -31.67
C1 NAG H . -10.19 8.73 -36.81
C2 NAG H . -9.90 9.64 -38.00
C3 NAG H . -10.48 9.03 -39.28
C4 NAG H . -10.19 7.53 -39.46
C5 NAG H . -10.13 6.73 -38.14
C6 NAG H . -9.37 5.41 -38.31
C7 NAG H . -9.74 12.03 -37.42
C8 NAG H . -9.90 13.25 -38.29
N2 NAG H . -10.45 10.96 -37.80
O3 NAG H . -9.96 9.72 -40.39
O4 NAG H . -11.20 7.00 -40.29
O5 NAG H . -9.55 7.48 -37.07
O6 NAG H . -9.71 4.49 -37.29
O7 NAG H . -9.03 12.06 -36.43
C1 NAG I . -23.60 27.15 -13.02
C2 NAG I . -23.34 28.53 -13.65
C3 NAG I . -24.54 29.41 -13.34
C4 NAG I . -25.82 28.81 -13.92
C5 NAG I . -25.94 27.29 -13.65
C6 NAG I . -26.96 26.63 -14.57
C7 NAG I . -21.04 29.35 -14.06
C8 NAG I . -21.17 30.53 -14.98
N2 NAG I . -22.06 29.11 -13.23
O3 NAG I . -24.36 30.73 -13.84
O4 NAG I . -26.92 29.49 -13.38
O5 NAG I . -24.70 26.60 -13.75
O6 NAG I . -26.41 26.43 -15.86
O7 NAG I . -20.03 28.65 -14.09
C1 NAG J . 11.91 32.01 6.53
C2 NAG J . 12.09 33.53 6.42
C3 NAG J . 12.31 33.88 4.94
C4 NAG J . 13.53 33.13 4.41
C5 NAG J . 13.40 31.64 4.71
C6 NAG J . 14.67 30.87 4.32
C7 NAG J . 11.14 35.19 7.98
C8 NAG J . 10.84 36.62 7.65
N2 NAG J . 10.99 34.27 7.01
O3 NAG J . 12.50 35.27 4.77
O4 NAG J . 13.64 33.35 3.02
O5 NAG J . 13.13 31.43 6.08
O6 NAG J . 14.37 29.49 4.24
O7 NAG J . 11.52 34.89 9.11
C1 NAG K . -12.73 18.07 27.60
C2 NAG K . -13.51 18.13 28.93
C3 NAG K . -14.45 19.35 29.04
C4 NAG K . -13.84 20.63 28.47
C5 NAG K . -13.14 20.35 27.13
C6 NAG K . -12.48 21.61 26.55
C7 NAG K . -14.06 16.03 30.12
C8 NAG K . -12.87 15.12 29.98
N2 NAG K . -14.28 16.91 29.14
O3 NAG K . -14.80 19.61 30.39
O4 NAG K . -14.89 21.56 28.32
O5 NAG K . -12.16 19.33 27.29
O6 NAG K . -12.90 21.76 25.21
O7 NAG K . -14.79 15.94 31.11
C1 NAG L . -14.94 -31.47 19.62
C2 NAG L . -14.54 -30.65 20.86
C3 NAG L . -15.75 -30.09 21.63
C4 NAG L . -16.90 -29.61 20.73
C5 NAG L . -17.17 -30.61 19.58
C6 NAG L . -18.19 -30.07 18.59
C7 NAG L . -13.93 -32.09 22.82
C8 NAG L . -14.27 -33.55 22.68
N2 NAG L . -13.63 -31.42 21.71
O3 NAG L . -15.31 -29.00 22.43
O4 NAG L . -18.08 -29.42 21.49
O5 NAG L . -15.97 -30.86 18.87
O6 NAG L . -19.43 -29.83 19.21
O7 NAG L . -13.93 -31.56 23.93
C1 NAG M . 38.85 16.65 -4.60
C2 NAG M . 37.85 17.63 -5.26
C3 NAG M . 38.43 19.02 -5.54
C4 NAG M . 39.27 19.54 -4.39
C5 NAG M . 40.33 18.49 -4.07
C6 NAG M . 41.28 18.97 -2.99
C7 NAG M . 36.10 17.37 -7.01
C8 NAG M . 34.91 16.64 -6.45
N2 NAG M . 37.31 17.07 -6.50
O3 NAG M . 37.41 19.95 -5.79
O4 NAG M . 39.87 20.77 -4.73
O5 NAG M . 39.67 17.32 -3.65
O6 NAG M . 42.10 20.00 -3.53
O7 NAG M . 35.93 18.20 -7.90
C1 NAG N . 16.96 23.36 -8.45
C2 NAG N . 17.86 24.60 -8.28
C3 NAG N . 17.31 25.77 -9.10
C4 NAG N . 17.11 25.34 -10.55
C5 NAG N . 16.15 24.15 -10.59
C6 NAG N . 15.83 23.67 -12.00
C7 NAG N . 19.09 25.41 -6.32
C8 NAG N . 20.05 24.41 -5.72
N2 NAG N . 17.97 24.94 -6.87
O3 NAG N . 18.17 26.88 -9.03
O4 NAG N . 16.60 26.42 -11.30
O5 NAG N . 16.70 23.08 -9.83
O6 NAG N . 14.67 22.85 -11.98
O7 NAG N . 19.34 26.60 -6.28
C1 NAG O . 28.07 -0.84 -13.20
C2 NAG O . 29.38 -1.15 -13.94
C3 NAG O . 29.20 -2.03 -15.20
C4 NAG O . 28.03 -3.01 -15.14
C5 NAG O . 26.82 -2.34 -14.45
C6 NAG O . 25.54 -3.14 -14.35
C7 NAG O . 30.82 0.76 -13.40
C8 NAG O . 30.27 2.05 -12.85
N2 NAG O . 30.07 0.08 -14.29
O3 NAG O . 30.38 -2.77 -15.42
O4 NAG O . 27.74 -3.37 -16.46
O5 NAG O . 27.21 -1.95 -13.16
O6 NAG O . 24.46 -2.25 -14.61
O7 NAG O . 31.92 0.36 -13.03
#